data_3T62
#
_entry.id   3T62
#
_cell.length_a   199.706
_cell.length_b   199.706
_cell.length_c   54.572
_cell.angle_alpha   90.00
_cell.angle_beta   90.00
_cell.angle_gamma   120.00
#
_symmetry.space_group_name_H-M   'H 3'
#
loop_
_entity.id
_entity.type
_entity.pdbx_description
1 polymer 'Chymotrypsinogen A'
2 polymer 'Kunitz-type proteinase inhibitor SHPI-1'
3 non-polymer 'SULFATE ION'
4 water water
#
loop_
_entity_poly.entity_id
_entity_poly.type
_entity_poly.pdbx_seq_one_letter_code
_entity_poly.pdbx_strand_id
1 'polypeptide(L)'
;CGVPAIQPVLSGLSRIVNGEEAVPGSWPWQVSLQDKTGFHFCGGSLINENWVVTAAHCGVTTSDVVVAGEFDQGSSSEKI
QKLKIAKVFKNSKYNSLTINNDITLLKLSTAASFSQTVSAVCLPSASDDFAAGTTCVTTGWGLTRYTNANTPDRLQQASL
PLLSNTNCKKYWGTKIKDAMICAGASGVSSCMGDSGGPLVCKKNGAWTLVGIVSWGSSTCSTSTPGVYARVTALVNWVQQ
TLAAN
;
A,B,C
2 'polypeptide(L)' SICSEPKKVGRCKGYFPRFYFDSETGKCTPFIYGGCGGNGNNFETLHQCRAICR D,E,F
#
# COMPACT_ATOMS: atom_id res chain seq x y z
N CYS A 1 28.19 13.55 1.54
CA CYS A 1 27.22 12.53 1.92
C CYS A 1 27.86 11.37 2.67
N GLY A 2 27.07 10.68 3.49
CA GLY A 2 27.46 9.38 4.04
C GLY A 2 28.50 9.44 5.14
N VAL A 3 28.75 10.64 5.67
CA VAL A 3 29.73 10.81 6.74
C VAL A 3 29.11 11.49 7.95
N PRO A 4 28.54 10.68 8.86
CA PRO A 4 27.85 11.32 10.00
C PRO A 4 28.79 12.23 10.77
N ALA A 5 28.31 13.42 11.16
CA ALA A 5 29.13 14.33 11.97
C ALA A 5 29.39 13.68 13.33
N ILE A 6 28.41 12.88 13.77
CA ILE A 6 28.54 12.09 14.99
C ILE A 6 28.77 10.65 14.62
N GLN A 7 29.99 10.17 14.88
CA GLN A 7 30.38 8.81 14.52
C GLN A 7 29.52 7.73 15.17
N PRO A 8 28.90 6.89 14.34
CA PRO A 8 28.24 5.70 14.90
C PRO A 8 29.27 4.81 15.59
N VAL A 9 28.84 4.09 16.61
CA VAL A 9 29.67 3.06 17.22
C VAL A 9 28.90 1.76 17.28
N LEU A 10 29.50 0.70 16.73
CA LEU A 10 28.86 -0.59 16.65
C LEU A 10 29.61 -1.68 17.42
N SER A 11 28.86 -2.60 18.00
CA SER A 11 29.45 -3.77 18.65
C SER A 11 29.94 -4.77 17.60
N GLY A 12 29.36 -4.69 16.41
CA GLY A 12 29.71 -5.60 15.32
C GLY A 12 29.03 -6.95 15.47
N ILE A 16 14.07 -3.81 14.88
CA ILE A 16 15.22 -4.67 14.77
C ILE A 16 15.34 -5.57 16.00
N VAL A 17 15.30 -6.88 15.76
CA VAL A 17 15.42 -7.87 16.84
C VAL A 17 16.87 -8.22 17.11
N ASN A 18 17.25 -8.18 18.39
CA ASN A 18 18.63 -8.46 18.79
CA ASN A 18 18.63 -8.47 18.81
C ASN A 18 19.63 -7.44 18.28
N GLY A 19 19.16 -6.22 18.02
CA GLY A 19 20.04 -5.13 17.64
C GLY A 19 20.56 -4.45 18.89
N GLU A 20 21.01 -3.20 18.73
CA GLU A 20 21.43 -2.39 19.87
C GLU A 20 21.05 -0.92 19.67
N GLU A 21 21.18 -0.16 20.74
CA GLU A 21 20.86 1.25 20.72
C GLU A 21 21.91 2.05 19.97
N ALA A 22 21.46 2.87 19.02
CA ALA A 22 22.35 3.76 18.27
C ALA A 22 22.86 4.84 19.20
N VAL A 23 24.10 5.29 18.96
CA VAL A 23 24.57 6.57 19.49
C VAL A 23 23.65 7.64 18.91
N PRO A 24 23.01 8.44 19.78
CA PRO A 24 22.08 9.47 19.32
C PRO A 24 22.70 10.33 18.22
N GLY A 25 21.95 10.54 17.14
CA GLY A 25 22.37 11.44 16.08
C GLY A 25 23.32 10.81 15.07
N SER A 26 23.69 9.55 15.29
CA SER A 26 24.80 8.93 14.54
C SER A 26 24.42 8.37 13.17
N TRP A 27 23.12 8.34 12.86
CA TRP A 27 22.61 7.88 11.57
C TRP A 27 21.70 8.99 11.05
N PRO A 28 22.31 10.09 10.60
CA PRO A 28 21.50 11.32 10.44
C PRO A 28 20.61 11.38 9.20
N TRP A 29 20.77 10.46 8.26
CA TRP A 29 19.81 10.37 7.15
C TRP A 29 18.54 9.61 7.55
N GLN A 30 18.56 8.92 8.69
CA GLN A 30 17.39 8.15 9.12
C GLN A 30 16.19 9.04 9.46
N VAL A 31 15.08 8.87 8.77
CA VAL A 31 13.85 9.57 9.16
C VAL A 31 12.78 8.59 9.60
N SER A 32 11.81 9.12 10.36
CA SER A 32 10.66 8.35 10.80
C SER A 32 9.49 8.88 9.98
N LEU A 33 8.70 7.99 9.40
CA LEU A 33 7.53 8.44 8.67
C LEU A 33 6.32 8.30 9.56
N GLN A 34 5.70 9.42 9.91
CA GLN A 34 4.57 9.39 10.84
C GLN A 34 3.27 9.84 10.19
N ASP A 35 2.17 9.22 10.59
CA ASP A 35 0.88 9.64 10.08
C ASP A 35 0.41 10.86 10.87
N LYS A 36 -0.75 11.38 10.51
CA LYS A 36 -1.26 12.64 11.07
C LYS A 36 -1.75 12.53 12.51
N THR A 37 -1.88 11.31 13.02
CA THR A 37 -2.18 11.11 14.44
C THR A 37 -0.90 10.86 15.23
N GLY A 38 0.22 10.82 14.50
CA GLY A 38 1.53 10.83 15.15
C GLY A 38 2.21 9.47 15.28
N PHE A 39 1.59 8.43 14.72
CA PHE A 39 2.13 7.08 14.81
C PHE A 39 3.23 6.85 13.78
N HIS A 40 4.35 6.29 14.23
CA HIS A 40 5.41 5.86 13.31
C HIS A 40 5.00 4.55 12.66
N PHE A 41 5.03 4.52 11.32
CA PHE A 41 4.67 3.32 10.55
C PHE A 41 5.80 2.75 9.66
N CYS A 42 6.72 3.61 9.23
CA CYS A 42 7.86 3.16 8.42
C CYS A 42 9.03 4.08 8.66
N GLY A 43 10.21 3.66 8.19
CA GLY A 43 11.36 4.55 8.16
C GLY A 43 11.64 5.09 6.76
N GLY A 44 12.68 5.91 6.62
CA GLY A 44 13.17 6.31 5.31
C GLY A 44 14.58 6.91 5.41
N SER A 45 15.14 7.34 4.27
CA SER A 45 16.46 7.96 4.28
C SER A 45 16.51 9.26 3.48
N LEU A 46 17.08 10.31 4.07
CA LEU A 46 17.39 11.52 3.32
C LEU A 46 18.48 11.22 2.28
N ILE A 47 18.22 11.57 1.01
CA ILE A 47 19.25 11.42 -0.04
C ILE A 47 19.78 12.79 -0.52
N ASN A 48 19.14 13.85 -0.07
CA ASN A 48 19.59 15.22 -0.26
C ASN A 48 18.63 16.06 0.57
N GLU A 49 18.67 17.38 0.47
CA GLU A 49 17.84 18.21 1.34
C GLU A 49 16.35 18.23 0.97
N ASN A 50 16.00 17.69 -0.20
CA ASN A 50 14.62 17.78 -0.67
C ASN A 50 13.90 16.45 -0.83
N TRP A 51 14.64 15.36 -0.72
CA TRP A 51 14.08 14.05 -1.09
C TRP A 51 14.39 12.94 -0.11
N VAL A 52 13.40 12.06 0.07
CA VAL A 52 13.55 10.93 0.99
C VAL A 52 13.21 9.66 0.22
N VAL A 53 14.03 8.64 0.38
CA VAL A 53 13.72 7.35 -0.25
C VAL A 53 13.21 6.34 0.80
N THR A 54 12.14 5.63 0.46
CA THR A 54 11.51 4.70 1.40
C THR A 54 10.98 3.51 0.61
N ALA A 55 10.18 2.65 1.24
CA ALA A 55 9.67 1.48 0.56
C ALA A 55 8.30 1.78 -0.03
N ALA A 56 7.99 1.23 -1.20
CA ALA A 56 6.69 1.42 -1.82
C ALA A 56 5.51 0.83 -1.01
N HIS A 57 5.70 -0.34 -0.41
CA HIS A 57 4.61 -0.96 0.37
C HIS A 57 4.24 -0.14 1.62
N CYS A 58 5.01 0.89 1.93
CA CYS A 58 4.66 1.72 3.08
C CYS A 58 3.43 2.60 2.78
N GLY A 59 3.10 2.76 1.51
CA GLY A 59 1.90 3.48 1.11
C GLY A 59 1.81 4.92 1.56
N VAL A 60 2.94 5.62 1.55
CA VAL A 60 2.99 6.98 2.05
C VAL A 60 2.10 7.93 1.24
N THR A 61 1.45 8.89 1.90
CA THR A 61 0.72 9.93 1.18
C THR A 61 1.13 11.31 1.67
N THR A 62 0.57 12.36 1.05
CA THR A 62 0.88 13.73 1.46
C THR A 62 0.28 14.07 2.82
N SER A 63 -0.43 13.12 3.43
CA SER A 63 -0.98 13.30 4.78
C SER A 63 0.01 12.91 5.86
N ASP A 64 0.95 12.04 5.51
CA ASP A 64 1.97 11.60 6.44
C ASP A 64 3.06 12.67 6.51
N VAL A 65 3.94 12.59 7.49
CA VAL A 65 5.06 13.53 7.55
C VAL A 65 6.35 12.78 7.75
N VAL A 66 7.42 13.44 7.31
CA VAL A 66 8.80 12.98 7.48
C VAL A 66 9.38 13.64 8.73
N VAL A 67 9.86 12.86 9.70
CA VAL A 67 10.45 13.46 10.90
C VAL A 67 11.96 13.17 10.90
N ALA A 68 12.77 14.23 10.89
CA ALA A 68 14.23 14.10 10.86
C ALA A 68 14.88 14.59 12.15
N GLY A 69 16.07 14.07 12.43
CA GLY A 69 16.84 14.49 13.58
C GLY A 69 16.44 13.79 14.86
N GLU A 70 15.63 12.74 14.76
CA GLU A 70 15.05 12.10 15.95
C GLU A 70 15.90 10.93 16.46
N PHE A 71 15.96 10.77 17.78
CA PHE A 71 16.59 9.59 18.36
C PHE A 71 15.62 8.88 19.27
N ASP A 72 15.13 9.59 20.29
CA ASP A 72 14.20 9.01 21.26
C ASP A 72 12.78 9.51 20.99
N GLN A 73 11.92 8.69 20.43
CA GLN A 73 10.58 9.17 20.09
C GLN A 73 9.71 9.48 21.31
N GLY A 74 10.20 9.12 22.49
CA GLY A 74 9.51 9.43 23.73
C GLY A 74 10.03 10.70 24.38
N SER A 75 10.97 11.37 23.71
CA SER A 75 11.58 12.57 24.27
C SER A 75 11.15 13.87 23.58
N SER A 76 11.12 14.94 24.34
CA SER A 76 10.76 16.25 23.82
C SER A 76 11.95 17.22 23.85
N SER A 77 13.15 16.69 24.05
CA SER A 77 14.33 17.54 24.17
C SER A 77 15.12 17.57 22.87
N GLU A 78 14.61 16.88 21.85
CA GLU A 78 15.33 16.81 20.59
C GLU A 78 14.80 17.86 19.61
N LYS A 79 15.72 18.57 18.96
CA LYS A 79 15.36 19.53 17.93
C LYS A 79 15.07 18.80 16.61
N ILE A 80 13.87 18.23 16.52
CA ILE A 80 13.48 17.43 15.36
C ILE A 80 12.78 18.29 14.31
N GLN A 81 12.83 17.84 13.07
CA GLN A 81 12.14 18.55 12.00
C GLN A 81 10.95 17.76 11.50
N LYS A 82 9.77 18.34 11.62
CA LYS A 82 8.54 17.73 11.14
C LYS A 82 8.28 18.26 9.73
N LEU A 83 8.55 17.43 8.72
CA LEU A 83 8.62 17.93 7.34
C LEU A 83 7.45 17.45 6.51
N LYS A 84 6.73 18.38 5.91
CA LYS A 84 5.60 18.01 5.09
C LYS A 84 6.07 17.46 3.75
N ILE A 85 5.26 16.56 3.21
CA ILE A 85 5.54 15.90 1.94
C ILE A 85 4.72 16.55 0.84
N ALA A 86 5.38 17.03 -0.21
CA ALA A 86 4.68 17.72 -1.29
C ALA A 86 4.13 16.74 -2.29
N LYS A 87 4.87 15.67 -2.57
CA LYS A 87 4.47 14.74 -3.61
C LYS A 87 5.14 13.38 -3.45
N VAL A 88 4.37 12.33 -3.71
CA VAL A 88 4.83 10.95 -3.60
C VAL A 88 5.03 10.34 -4.98
N PHE A 89 6.21 9.77 -5.20
CA PHE A 89 6.51 9.07 -6.45
C PHE A 89 6.80 7.60 -6.22
N LYS A 90 5.80 6.76 -6.35
CA LYS A 90 5.98 5.31 -6.23
C LYS A 90 6.52 4.75 -7.54
N ASN A 91 7.50 3.86 -7.46
CA ASN A 91 8.07 3.26 -8.67
C ASN A 91 6.97 2.52 -9.41
N SER A 92 6.76 2.89 -10.66
CA SER A 92 5.66 2.35 -11.45
C SER A 92 5.76 0.82 -11.58
N LYS A 93 6.99 0.31 -11.56
CA LYS A 93 7.25 -1.12 -11.69
C LYS A 93 7.05 -1.87 -10.39
N TYR A 94 6.76 -1.16 -9.29
CA TYR A 94 6.47 -1.83 -8.02
C TYR A 94 5.44 -2.91 -8.25
N ASN A 95 5.73 -4.11 -7.76
CA ASN A 95 4.88 -5.26 -7.94
C ASN A 95 4.25 -5.64 -6.60
N SER A 96 2.94 -5.41 -6.48
CA SER A 96 2.29 -5.72 -5.21
CA SER A 96 2.23 -5.72 -5.24
CA SER A 96 2.23 -5.72 -5.24
C SER A 96 2.21 -7.23 -4.97
N LEU A 97 2.47 -8.01 -6.02
CA LEU A 97 2.43 -9.46 -5.87
C LEU A 97 3.69 -9.96 -5.16
N THR A 98 4.82 -9.67 -5.79
CA THR A 98 6.12 -10.17 -5.37
C THR A 98 6.87 -9.18 -4.49
N ILE A 99 6.30 -8.00 -4.27
CA ILE A 99 6.98 -6.94 -3.52
C ILE A 99 8.28 -6.53 -4.23
N ASN A 100 8.39 -6.81 -5.52
CA ASN A 100 9.59 -6.38 -6.25
C ASN A 100 9.56 -4.89 -6.60
N ASN A 101 10.73 -4.32 -6.81
CA ASN A 101 10.88 -2.88 -7.07
C ASN A 101 10.24 -2.03 -5.97
N ASP A 102 10.58 -2.37 -4.73
CA ASP A 102 9.86 -1.83 -3.58
C ASP A 102 10.47 -0.50 -3.16
N ILE A 103 10.21 0.54 -3.94
CA ILE A 103 10.83 1.83 -3.66
C ILE A 103 9.91 2.99 -4.02
N THR A 104 9.95 4.03 -3.19
CA THR A 104 9.14 5.23 -3.37
C THR A 104 9.98 6.43 -3.00
N LEU A 105 9.86 7.50 -3.80
CA LEU A 105 10.53 8.74 -3.43
C LEU A 105 9.53 9.75 -2.90
N LEU A 106 9.97 10.59 -1.96
CA LEU A 106 9.14 11.62 -1.38
C LEU A 106 9.85 12.94 -1.61
N LYS A 107 9.20 13.88 -2.30
CA LYS A 107 9.73 15.24 -2.39
C LYS A 107 9.12 16.13 -1.29
N LEU A 108 9.96 16.79 -0.49
CA LEU A 108 9.44 17.56 0.64
C LEU A 108 8.88 18.90 0.17
N SER A 109 7.86 19.38 0.86
CA SER A 109 7.29 20.71 0.60
C SER A 109 8.32 21.81 0.87
N THR A 110 9.09 21.65 1.94
CA THR A 110 10.21 22.53 2.24
C THR A 110 11.45 21.71 2.59
N ALA A 111 12.61 22.15 2.11
CA ALA A 111 13.87 21.45 2.35
C ALA A 111 14.17 21.18 3.83
N ALA A 112 14.71 20.00 4.09
CA ALA A 112 15.27 19.71 5.41
C ALA A 112 16.42 20.67 5.63
N SER A 113 16.66 21.04 6.88
CA SER A 113 17.84 21.84 7.20
C SER A 113 18.91 20.91 7.75
N PHE A 114 20.01 20.78 7.02
CA PHE A 114 21.07 19.86 7.41
C PHE A 114 21.84 20.42 8.61
N SER A 115 22.28 19.53 9.49
CA SER A 115 22.92 19.91 10.73
C SER A 115 23.82 18.76 11.16
N GLN A 116 24.34 18.83 12.38
CA GLN A 116 25.06 17.70 12.94
C GLN A 116 24.22 16.42 12.94
N THR A 117 22.92 16.55 13.12
CA THR A 117 22.07 15.37 13.32
C THR A 117 21.18 15.03 12.12
N VAL A 118 21.29 15.80 11.04
CA VAL A 118 20.46 15.65 9.86
C VAL A 118 21.31 15.91 8.61
N SER A 119 21.49 14.87 7.81
CA SER A 119 22.28 14.99 6.59
C SER A 119 22.00 13.77 5.71
N ALA A 120 22.63 13.68 4.55
CA ALA A 120 22.27 12.71 3.51
C ALA A 120 23.13 11.44 3.48
N VAL A 121 22.52 10.33 3.10
CA VAL A 121 23.26 9.10 2.85
C VAL A 121 23.70 9.17 1.40
N CYS A 122 24.80 8.51 1.03
CA CYS A 122 25.22 8.44 -0.37
C CYS A 122 24.42 7.39 -1.14
N LEU A 123 24.26 7.60 -2.43
CA LEU A 123 23.60 6.62 -3.28
C LEU A 123 24.67 5.95 -4.12
N PRO A 124 24.48 4.66 -4.45
CA PRO A 124 25.49 3.99 -5.28
C PRO A 124 25.25 4.22 -6.79
N SER A 125 26.22 3.90 -7.65
CA SER A 125 26.00 3.85 -9.09
CA SER A 125 25.95 3.87 -9.08
C SER A 125 25.43 2.48 -9.41
N ALA A 126 24.68 2.39 -10.50
CA ALA A 126 24.06 1.14 -10.92
C ALA A 126 25.04 -0.02 -11.05
N SER A 127 26.32 0.30 -11.25
CA SER A 127 27.32 -0.73 -11.52
C SER A 127 28.18 -1.07 -10.31
N ASP A 128 27.89 -0.47 -9.15
CA ASP A 128 28.65 -0.78 -7.95
C ASP A 128 28.45 -2.22 -7.52
N ASP A 129 29.51 -2.83 -7.01
CA ASP A 129 29.39 -4.20 -6.54
C ASP A 129 29.58 -4.26 -5.03
N PHE A 130 28.54 -4.68 -4.33
CA PHE A 130 28.65 -4.91 -2.90
C PHE A 130 28.67 -6.41 -2.64
N ALA A 131 29.87 -6.90 -2.34
CA ALA A 131 30.16 -8.32 -2.35
C ALA A 131 29.42 -9.10 -1.28
N ALA A 132 29.02 -10.31 -1.63
CA ALA A 132 28.47 -11.22 -0.64
C ALA A 132 29.46 -11.31 0.52
N GLY A 133 28.93 -11.37 1.74
CA GLY A 133 29.77 -11.50 2.92
C GLY A 133 30.16 -10.18 3.52
N THR A 134 29.89 -9.09 2.81
CA THR A 134 30.22 -7.75 3.30
C THR A 134 29.43 -7.48 4.56
N THR A 135 30.09 -6.99 5.61
CA THR A 135 29.37 -6.59 6.81
C THR A 135 28.80 -5.19 6.66
N CYS A 136 27.48 -5.08 6.68
CA CYS A 136 26.83 -3.76 6.60
C CYS A 136 25.95 -3.48 7.82
N VAL A 137 25.17 -2.40 7.77
CA VAL A 137 24.37 -1.99 8.93
C VAL A 137 22.96 -1.60 8.52
N THR A 138 21.97 -1.98 9.34
CA THR A 138 20.61 -1.49 9.15
C THR A 138 20.09 -0.83 10.44
N THR A 139 19.15 0.11 10.31
CA THR A 139 18.70 0.89 11.47
C THR A 139 17.20 1.18 11.38
N GLY A 140 16.59 1.56 12.51
CA GLY A 140 15.17 1.83 12.53
C GLY A 140 14.51 1.67 13.88
N TRP A 141 13.22 2.00 13.92
CA TRP A 141 12.43 1.89 15.14
C TRP A 141 11.43 0.74 15.06
N GLY A 142 11.72 -0.27 14.24
CA GLY A 142 10.87 -1.45 14.22
C GLY A 142 10.90 -2.18 15.56
N LEU A 143 9.96 -3.11 15.74
CA LEU A 143 9.83 -3.84 17.00
C LEU A 143 11.15 -4.49 17.36
N THR A 144 11.44 -4.61 18.65
CA THR A 144 12.66 -5.29 19.11
C THR A 144 12.37 -6.72 19.55
N ARG A 145 11.09 -7.06 19.56
CA ARG A 145 10.67 -8.42 19.82
C ARG A 145 9.35 -8.59 19.11
N TYR A 146 9.18 -9.70 18.42
CA TYR A 146 7.96 -9.93 17.64
C TYR A 146 6.77 -10.14 18.55
N ALA A 149 1.48 -4.08 21.22
CA ALA A 149 2.92 -4.20 21.12
C ALA A 149 3.49 -2.94 20.48
N ASN A 150 4.27 -2.19 21.25
CA ASN A 150 4.78 -0.92 20.78
C ASN A 150 6.18 -0.95 20.16
N THR A 151 6.40 0.02 19.30
CA THR A 151 7.66 0.22 18.61
C THR A 151 8.64 0.85 19.63
N PRO A 152 9.96 0.59 19.54
CA PRO A 152 10.80 1.13 20.63
C PRO A 152 10.95 2.65 20.51
N ASP A 153 11.09 3.35 21.63
CA ASP A 153 11.32 4.79 21.60
C ASP A 153 12.64 5.15 20.92
N ARG A 154 13.71 4.42 21.24
CA ARG A 154 15.05 4.83 20.79
C ARG A 154 15.53 4.11 19.54
N LEU A 155 16.20 4.84 18.66
CA LEU A 155 16.73 4.28 17.41
C LEU A 155 17.65 3.07 17.63
N GLN A 156 17.37 1.98 16.91
CA GLN A 156 18.16 0.77 17.00
C GLN A 156 19.04 0.62 15.75
N GLN A 157 20.07 -0.21 15.84
CA GLN A 157 20.97 -0.53 14.74
C GLN A 157 21.38 -2.00 14.85
N ALA A 158 21.81 -2.58 13.74
CA ALA A 158 22.42 -3.89 13.76
C ALA A 158 23.44 -4.04 12.62
N SER A 159 24.55 -4.70 12.89
CA SER A 159 25.48 -5.11 11.84
C SER A 159 25.03 -6.47 11.31
N LEU A 160 25.20 -6.68 10.01
CA LEU A 160 24.78 -7.92 9.39
C LEU A 160 25.41 -8.10 8.01
N PRO A 161 25.63 -9.36 7.61
CA PRO A 161 26.33 -9.67 6.35
C PRO A 161 25.39 -9.69 5.16
N LEU A 162 25.83 -9.16 4.02
CA LEU A 162 25.13 -9.36 2.75
C LEU A 162 25.19 -10.82 2.31
N LEU A 163 24.10 -11.35 1.75
CA LEU A 163 24.12 -12.71 1.18
C LEU A 163 24.13 -12.65 -0.33
N SER A 164 24.64 -13.71 -0.96
CA SER A 164 24.49 -13.83 -2.39
C SER A 164 23.05 -14.20 -2.66
N ASN A 165 22.55 -13.88 -3.86
CA ASN A 165 21.16 -14.17 -4.18
C ASN A 165 20.96 -15.70 -4.29
N THR A 166 21.95 -16.41 -4.80
CA THR A 166 21.90 -17.86 -4.85
C THR A 166 21.68 -18.44 -3.44
N ASN A 167 22.49 -18.02 -2.48
CA ASN A 167 22.36 -18.50 -1.11
C ASN A 167 21.03 -18.01 -0.49
N CYS A 168 20.63 -16.78 -0.81
CA CYS A 168 19.35 -16.29 -0.29
C CYS A 168 18.20 -17.16 -0.78
N LYS A 169 18.30 -17.66 -2.01
CA LYS A 169 17.25 -18.49 -2.60
C LYS A 169 17.10 -19.85 -1.91
N LYS A 170 18.14 -20.30 -1.24
CA LYS A 170 18.04 -21.57 -0.56
C LYS A 170 17.02 -21.49 0.57
N TYR A 171 16.81 -20.30 1.13
CA TYR A 171 15.75 -20.05 2.11
CA TYR A 171 15.71 -20.18 2.07
C TYR A 171 14.42 -19.68 1.43
N TRP A 172 14.50 -18.69 0.54
CA TRP A 172 13.28 -18.10 -0.03
C TRP A 172 12.91 -18.49 -1.47
N GLY A 173 13.76 -19.26 -2.13
CA GLY A 173 13.43 -19.73 -3.48
C GLY A 173 13.12 -18.59 -4.43
N THR A 174 12.13 -18.78 -5.27
CA THR A 174 11.90 -17.83 -6.38
C THR A 174 11.28 -16.50 -5.94
N LYS A 175 11.04 -16.34 -4.64
CA LYS A 175 10.57 -15.04 -4.15
C LYS A 175 11.66 -13.97 -4.29
N ILE A 176 12.92 -14.39 -4.46
CA ILE A 176 14.03 -13.43 -4.56
C ILE A 176 14.27 -12.97 -6.01
N LYS A 177 14.09 -11.67 -6.26
CA LYS A 177 14.22 -11.14 -7.63
C LYS A 177 15.52 -10.35 -7.74
N ASP A 178 15.83 -9.86 -8.93
CA ASP A 178 17.10 -9.22 -9.17
C ASP A 178 17.19 -7.84 -8.50
N ALA A 179 16.02 -7.21 -8.34
CA ALA A 179 15.88 -5.92 -7.67
C ALA A 179 15.77 -6.05 -6.14
N MET A 180 16.12 -7.23 -5.63
CA MET A 180 16.22 -7.46 -4.19
C MET A 180 17.63 -7.90 -3.80
N ILE A 181 17.99 -7.62 -2.55
CA ILE A 181 19.24 -8.11 -1.99
C ILE A 181 18.94 -8.59 -0.57
N CYS A 182 19.57 -9.68 -0.16
CA CYS A 182 19.32 -10.22 1.18
C CYS A 182 20.49 -9.94 2.11
N ALA A 183 20.19 -9.91 3.41
CA ALA A 183 21.19 -9.65 4.42
C ALA A 183 20.67 -10.23 5.73
N GLY A 184 21.57 -10.71 6.59
CA GLY A 184 21.14 -11.21 7.87
C GLY A 184 21.20 -12.71 8.00
N ALA A 185 20.17 -13.32 8.60
CA ALA A 185 20.17 -14.74 8.98
C ALA A 185 21.29 -15.01 9.96
N SER A 186 21.69 -13.97 10.68
CA SER A 186 22.94 -13.98 11.42
C SER A 186 22.77 -13.66 12.90
N GLY A 187 21.55 -13.76 13.43
CA GLY A 187 21.32 -13.46 14.83
C GLY A 187 20.56 -12.16 15.04
N VAL A 188 20.32 -11.42 13.96
CA VAL A 188 19.53 -10.19 14.07
C VAL A 188 18.46 -10.19 12.98
N SER A 189 17.46 -9.34 13.15
CA SER A 189 16.39 -9.25 12.16
C SER A 189 15.70 -7.87 12.11
N SER A 190 15.47 -7.36 10.90
CA SER A 190 14.55 -6.23 10.72
C SER A 190 13.18 -6.69 11.19
N CYS A 191 12.34 -5.78 11.66
CA CYS A 191 11.04 -6.20 12.18
C CYS A 191 10.02 -5.08 11.94
N MET A 192 8.78 -5.26 12.42
CA MET A 192 7.69 -4.36 12.04
C MET A 192 7.94 -2.90 12.42
N GLY A 193 8.00 -2.04 11.42
CA GLY A 193 8.29 -0.63 11.62
C GLY A 193 9.65 -0.23 11.08
N ASP A 194 10.44 -1.24 10.70
CA ASP A 194 11.76 -1.01 10.08
C ASP A 194 11.64 -0.67 8.58
N SER A 195 10.59 -1.18 7.92
CA SER A 195 10.36 -0.96 6.49
C SER A 195 10.71 0.45 6.01
N GLY A 196 11.40 0.54 4.88
CA GLY A 196 11.65 1.82 4.22
C GLY A 196 12.94 2.49 4.69
N GLY A 197 13.48 1.98 5.78
CA GLY A 197 14.72 2.47 6.35
C GLY A 197 15.91 1.91 5.62
N PRO A 198 17.12 2.32 6.02
CA PRO A 198 18.31 1.98 5.24
C PRO A 198 19.01 0.66 5.62
N LEU A 199 19.62 0.07 4.59
CA LEU A 199 20.71 -0.88 4.77
C LEU A 199 21.91 -0.20 4.13
N VAL A 200 22.93 0.12 4.94
CA VAL A 200 24.08 0.87 4.43
C VAL A 200 25.37 0.06 4.55
N CYS A 201 26.25 0.21 3.58
CA CYS A 201 27.57 -0.41 3.66
C CYS A 201 28.60 0.69 3.56
N LYS A 202 29.71 0.56 4.28
CA LYS A 202 30.64 1.68 4.38
C LYS A 202 31.71 1.55 3.32
N LYS A 203 31.55 2.33 2.25
CA LYS A 203 32.43 2.28 1.09
C LYS A 203 33.27 3.55 0.93
N ASN A 204 34.55 3.44 1.24
CA ASN A 204 35.51 4.54 1.06
C ASN A 204 35.39 5.62 2.12
N GLY A 205 35.17 5.18 3.36
CA GLY A 205 34.98 6.10 4.47
C GLY A 205 33.60 6.71 4.51
N ALA A 206 32.73 6.30 3.57
CA ALA A 206 31.38 6.86 3.45
C ALA A 206 30.30 5.78 3.44
N TRP A 207 29.22 6.01 4.16
CA TRP A 207 28.08 5.10 4.12
C TRP A 207 27.22 5.31 2.88
N THR A 208 26.93 4.20 2.21
CA THR A 208 26.21 4.24 0.93
C THR A 208 24.98 3.37 1.07
N LEU A 209 23.87 3.84 0.51
CA LEU A 209 22.59 3.12 0.58
C LEU A 209 22.56 1.91 -0.36
N VAL A 210 22.64 0.72 0.21
CA VAL A 210 22.70 -0.47 -0.61
C VAL A 210 21.35 -1.17 -0.68
N GLY A 211 20.54 -1.01 0.36
CA GLY A 211 19.27 -1.69 0.45
C GLY A 211 18.23 -0.84 1.12
N ILE A 212 16.96 -1.09 0.83
CA ILE A 212 15.88 -0.44 1.58
C ILE A 212 15.10 -1.53 2.29
N VAL A 213 14.92 -1.38 3.61
CA VAL A 213 14.26 -2.44 4.35
C VAL A 213 12.92 -2.77 3.72
N SER A 214 12.72 -4.04 3.38
CA SER A 214 11.53 -4.41 2.62
C SER A 214 10.68 -5.51 3.24
N TRP A 215 11.16 -6.75 3.23
CA TRP A 215 10.36 -7.86 3.71
C TRP A 215 11.23 -8.97 4.30
N GLY A 216 10.60 -10.01 4.84
CA GLY A 216 11.32 -11.11 5.47
C GLY A 216 10.43 -11.99 6.32
N SER A 217 11.03 -12.79 7.22
CA SER A 217 10.25 -13.65 8.13
C SER A 217 9.01 -12.97 8.71
N SER A 218 7.86 -13.63 8.66
CA SER A 218 6.66 -13.00 9.19
C SER A 218 6.75 -12.92 10.72
N THR A 219 7.77 -13.56 11.30
CA THR A 219 7.98 -13.51 12.75
C THR A 219 9.33 -12.89 13.13
N CYS A 220 10.00 -12.27 12.16
CA CYS A 220 11.26 -11.57 12.42
C CYS A 220 12.29 -12.55 12.96
N SER A 221 12.29 -13.75 12.40
CA SER A 221 13.24 -14.78 12.83
C SER A 221 14.63 -14.29 12.53
N THR A 222 15.58 -14.60 13.40
CA THR A 222 16.94 -14.08 13.26
C THR A 222 17.83 -15.10 12.55
N SER A 223 17.24 -16.24 12.21
CA SER A 223 17.96 -17.28 11.46
C SER A 223 17.59 -17.34 9.99
N THR A 224 16.68 -16.47 9.55
CA THR A 224 16.36 -16.39 8.12
C THR A 224 16.78 -15.02 7.56
N PRO A 225 17.11 -14.97 6.27
CA PRO A 225 17.65 -13.72 5.73
C PRO A 225 16.57 -12.65 5.63
N GLY A 226 16.89 -11.41 5.96
CA GLY A 226 15.96 -10.35 5.61
C GLY A 226 16.11 -10.01 4.13
N VAL A 227 15.07 -9.42 3.55
CA VAL A 227 15.11 -9.03 2.14
C VAL A 227 14.99 -7.50 1.99
N TYR A 228 15.82 -6.93 1.10
CA TYR A 228 15.90 -5.49 0.95
C TYR A 228 15.78 -5.11 -0.53
N ALA A 229 15.19 -3.94 -0.82
CA ALA A 229 15.11 -3.45 -2.21
C ALA A 229 16.53 -3.15 -2.63
N ARG A 230 16.96 -3.69 -3.77
CA ARG A 230 18.35 -3.55 -4.17
C ARG A 230 18.56 -2.21 -4.85
N VAL A 231 19.17 -1.27 -4.13
CA VAL A 231 19.31 0.10 -4.62
C VAL A 231 20.08 0.26 -5.94
N THR A 232 21.13 -0.53 -6.17
CA THR A 232 21.85 -0.44 -7.44
C THR A 232 20.92 -0.73 -8.63
N ALA A 233 19.91 -1.57 -8.42
CA ALA A 233 18.99 -1.94 -9.48
C ALA A 233 17.89 -0.88 -9.70
N LEU A 234 17.82 0.09 -8.80
CA LEU A 234 16.74 1.06 -8.84
C LEU A 234 17.22 2.50 -8.87
N VAL A 235 18.53 2.68 -8.89
CA VAL A 235 19.08 4.01 -8.69
C VAL A 235 19.01 4.86 -9.97
N ASN A 236 19.00 4.21 -11.14
CA ASN A 236 18.75 4.94 -12.37
C ASN A 236 17.33 5.53 -12.37
N TRP A 237 16.35 4.74 -11.96
CA TRP A 237 15.00 5.28 -11.78
C TRP A 237 14.97 6.42 -10.76
N VAL A 238 15.74 6.30 -9.68
CA VAL A 238 15.80 7.37 -8.69
C VAL A 238 16.30 8.68 -9.33
N GLN A 239 17.42 8.61 -10.04
CA GLN A 239 18.00 9.82 -10.68
C GLN A 239 17.08 10.44 -11.74
N GLN A 240 16.41 9.60 -12.53
CA GLN A 240 15.50 10.15 -13.52
CA GLN A 240 15.44 10.05 -13.53
C GLN A 240 14.28 10.81 -12.87
N THR A 241 13.83 10.28 -11.75
CA THR A 241 12.71 10.87 -11.04
C THR A 241 13.07 12.24 -10.46
N LEU A 242 14.26 12.35 -9.88
CA LEU A 242 14.73 13.62 -9.34
C LEU A 242 14.85 14.66 -10.47
N ALA A 243 15.46 14.24 -11.57
CA ALA A 243 15.73 15.13 -12.71
C ALA A 243 14.46 15.68 -13.34
N ALA A 244 13.41 14.85 -13.42
CA ALA A 244 12.18 15.21 -14.12
C ALA A 244 11.20 15.96 -13.23
N ASN A 245 11.38 15.84 -11.91
CA ASN A 245 10.47 16.50 -10.97
C ASN A 245 11.17 17.46 -10.04
N SER B 1 -18.08 -15.43 5.41
CA SER B 1 -17.05 -16.37 5.87
C SER B 1 -15.65 -15.79 5.65
N ILE B 2 -15.58 -14.48 5.48
CA ILE B 2 -14.31 -13.78 5.42
C ILE B 2 -13.70 -13.69 6.81
N CYS B 3 -14.58 -13.63 7.82
CA CYS B 3 -14.16 -13.55 9.21
C CYS B 3 -13.58 -14.88 9.70
N SER B 4 -13.67 -15.90 8.84
CA SER B 4 -13.17 -17.23 9.16
C SER B 4 -11.74 -17.39 8.64
N GLU B 5 -11.26 -16.39 7.90
CA GLU B 5 -9.87 -16.35 7.44
C GLU B 5 -8.99 -16.01 8.63
N PRO B 6 -7.75 -16.50 8.62
CA PRO B 6 -6.89 -16.37 9.80
C PRO B 6 -6.07 -15.09 9.82
N LYS B 7 -5.59 -14.73 11.00
CA LYS B 7 -4.73 -13.57 11.18
C LYS B 7 -3.48 -13.71 10.31
N LYS B 8 -3.33 -12.82 9.34
CA LYS B 8 -2.16 -12.86 8.46
C LYS B 8 -1.33 -11.57 8.55
N VAL B 9 -0.15 -11.68 9.16
CA VAL B 9 0.71 -10.53 9.29
C VAL B 9 1.37 -10.13 7.96
N GLY B 10 1.65 -11.14 7.13
CA GLY B 10 2.44 -10.96 5.92
C GLY B 10 3.90 -10.74 6.23
N ARG B 11 4.71 -10.60 5.18
CA ARG B 11 6.14 -10.58 5.29
C ARG B 11 6.76 -9.18 5.24
N CYS B 12 5.96 -8.15 4.94
CA CYS B 12 6.50 -6.78 4.90
C CYS B 12 6.80 -6.24 6.31
N LYS B 13 7.72 -5.28 6.39
CA LYS B 13 8.27 -4.85 7.68
C LYS B 13 7.67 -3.52 8.14
N GLY B 14 6.41 -3.32 7.80
CA GLY B 14 5.71 -2.09 8.14
C GLY B 14 5.11 -2.25 9.52
N TYR B 15 4.71 -1.12 10.12
CA TYR B 15 3.98 -1.15 11.38
C TYR B 15 2.61 -0.52 11.19
N PHE B 16 1.60 -1.36 10.96
CA PHE B 16 0.25 -0.93 10.59
C PHE B 16 -0.81 -1.56 11.50
N PRO B 17 -1.16 -0.88 12.59
CA PRO B 17 -2.20 -1.46 13.47
C PRO B 17 -3.48 -1.77 12.71
N ARG B 18 -4.02 -2.97 12.93
CA ARG B 18 -5.25 -3.38 12.26
C ARG B 18 -6.09 -4.21 13.21
N PHE B 19 -7.21 -4.71 12.73
CA PHE B 19 -8.08 -5.57 13.53
C PHE B 19 -8.48 -6.80 12.72
N TYR B 20 -8.58 -7.94 13.38
CA TYR B 20 -9.04 -9.17 12.74
C TYR B 20 -10.08 -9.86 13.62
N PHE B 21 -10.91 -10.71 13.02
CA PHE B 21 -11.90 -11.46 13.77
C PHE B 21 -11.36 -12.81 14.24
N ASP B 22 -11.07 -12.91 15.53
CA ASP B 22 -10.56 -14.16 16.09
C ASP B 22 -11.70 -15.14 16.27
N SER B 23 -11.56 -16.33 15.68
CA SER B 23 -12.58 -17.37 15.78
C SER B 23 -12.53 -18.05 17.15
N GLU B 24 -11.35 -18.52 17.53
CA GLU B 24 -11.14 -19.14 18.83
C GLU B 24 -11.84 -18.32 19.93
N THR B 25 -11.57 -17.02 19.93
CA THR B 25 -12.04 -16.12 20.98
C THR B 25 -13.37 -15.44 20.64
N GLY B 26 -13.70 -15.40 19.36
CA GLY B 26 -14.97 -14.84 18.92
C GLY B 26 -15.09 -13.34 19.11
N LYS B 27 -13.96 -12.63 18.97
CA LYS B 27 -13.95 -11.18 19.10
C LYS B 27 -13.24 -10.53 17.91
N CYS B 28 -13.40 -9.21 17.79
CA CYS B 28 -12.55 -8.47 16.87
C CYS B 28 -11.32 -8.04 17.64
N THR B 29 -10.14 -8.30 17.07
CA THR B 29 -8.91 -8.18 17.82
C THR B 29 -7.77 -7.44 17.10
N PRO B 30 -7.05 -6.60 17.85
CA PRO B 30 -5.96 -5.80 17.29
C PRO B 30 -4.73 -6.64 16.97
N PHE B 31 -4.06 -6.32 15.86
CA PHE B 31 -2.78 -6.92 15.53
C PHE B 31 -1.97 -5.99 14.64
N ILE B 32 -0.65 -6.17 14.65
CA ILE B 32 0.23 -5.42 13.77
C ILE B 32 0.32 -6.09 12.40
N TYR B 33 -0.14 -5.39 11.37
CA TYR B 33 -0.04 -5.85 10.00
C TYR B 33 1.22 -5.24 9.34
N GLY B 34 1.93 -6.04 8.57
CA GLY B 34 3.20 -5.60 7.97
C GLY B 34 3.07 -4.71 6.76
N GLY B 35 1.87 -4.65 6.17
CA GLY B 35 1.61 -3.79 5.03
C GLY B 35 1.44 -4.47 3.68
N CYS B 36 1.74 -5.75 3.58
CA CYS B 36 1.51 -6.45 2.29
C CYS B 36 1.04 -7.90 2.43
N GLY B 37 0.40 -8.41 1.38
CA GLY B 37 -0.01 -9.81 1.33
C GLY B 37 -1.04 -10.18 2.38
N GLY B 38 -1.85 -9.21 2.79
CA GLY B 38 -2.85 -9.48 3.80
C GLY B 38 -4.01 -10.21 3.17
N ASN B 39 -4.87 -10.79 4.00
CA ASN B 39 -6.11 -11.40 3.50
C ASN B 39 -7.33 -10.57 3.86
N GLY B 40 -8.51 -11.16 3.74
CA GLY B 40 -9.75 -10.44 3.97
C GLY B 40 -10.01 -10.04 5.42
N ASN B 41 -9.63 -10.91 6.35
CA ASN B 41 -9.84 -10.65 7.77
C ASN B 41 -8.88 -9.58 8.29
N ASN B 42 -9.03 -8.37 7.76
CA ASN B 42 -8.11 -7.28 8.07
C ASN B 42 -8.81 -5.93 7.96
N PHE B 43 -9.04 -5.28 9.10
CA PHE B 43 -9.81 -4.04 9.14
C PHE B 43 -9.06 -2.87 9.82
N GLU B 44 -9.33 -1.65 9.37
CA GLU B 44 -8.68 -0.45 9.89
C GLU B 44 -9.10 -0.10 11.31
N THR B 45 -10.37 -0.33 11.61
CA THR B 45 -10.90 0.01 12.93
C THR B 45 -11.65 -1.15 13.57
N LEU B 46 -11.70 -1.13 14.89
CA LEU B 46 -12.46 -2.11 15.65
C LEU B 46 -13.95 -1.99 15.35
N HIS B 47 -14.43 -0.76 15.29
CA HIS B 47 -15.82 -0.52 14.90
C HIS B 47 -16.13 -1.17 13.57
N GLN B 48 -15.24 -0.96 12.61
CA GLN B 48 -15.35 -1.48 11.25
C GLN B 48 -15.32 -3.00 11.23
N CYS B 49 -14.50 -3.61 12.08
CA CYS B 49 -14.48 -5.06 12.18
C CYS B 49 -15.77 -5.60 12.78
N ARG B 50 -16.24 -4.96 13.84
CA ARG B 50 -17.47 -5.41 14.50
C ARG B 50 -18.67 -5.17 13.59
N ALA B 51 -18.67 -4.01 12.93
CA ALA B 51 -19.76 -3.65 12.02
C ALA B 51 -19.66 -4.39 10.70
N ILE B 52 -19.49 -5.70 10.78
CA ILE B 52 -19.40 -6.55 9.59
C ILE B 52 -19.20 -8.01 10.04
N CYS B 53 -19.18 -8.21 11.35
CA CYS B 53 -19.08 -9.54 11.93
C CYS B 53 -19.96 -9.65 13.16
N ARG B 54 -19.34 -9.90 14.31
CA ARG B 54 -20.05 -10.01 15.57
C ARG B 54 -21.18 -11.04 15.48
N CYS C 1 1.01 -40.31 -24.60
CA CYS C 1 1.48 -38.99 -25.03
C CYS C 1 2.89 -39.11 -25.60
N GLY C 2 3.26 -38.13 -26.41
CA GLY C 2 4.65 -37.94 -26.79
C GLY C 2 5.21 -38.89 -27.84
N VAL C 3 4.35 -39.77 -28.36
CA VAL C 3 4.73 -40.74 -29.39
C VAL C 3 3.88 -40.60 -30.65
N PRO C 4 4.33 -39.77 -31.61
CA PRO C 4 3.55 -39.57 -32.83
C PRO C 4 3.38 -40.88 -33.61
N ALA C 5 2.21 -41.08 -34.21
CA ALA C 5 1.98 -42.24 -35.07
C ALA C 5 2.83 -42.12 -36.33
N ILE C 6 2.88 -40.91 -36.88
CA ILE C 6 3.80 -40.61 -37.98
C ILE C 6 5.07 -40.04 -37.38
N GLN C 7 6.18 -40.74 -37.53
CA GLN C 7 7.42 -40.36 -36.85
C GLN C 7 8.15 -39.19 -37.52
N PRO C 8 8.49 -38.17 -36.72
CA PRO C 8 9.24 -37.04 -37.28
C PRO C 8 10.62 -37.49 -37.78
N VAL C 9 11.08 -36.89 -38.88
CA VAL C 9 12.41 -37.14 -39.43
C VAL C 9 13.21 -35.85 -39.40
N LEU C 10 14.33 -35.83 -38.67
CA LEU C 10 15.14 -34.61 -38.56
C LEU C 10 16.45 -34.76 -39.33
N SER C 11 16.76 -33.74 -40.14
CA SER C 11 17.94 -33.80 -41.00
C SER C 11 19.25 -33.82 -40.19
N GLY C 12 19.37 -32.94 -39.20
CA GLY C 12 20.56 -32.88 -38.39
C GLY C 12 20.49 -31.88 -37.24
N ILE C 16 10.27 -20.17 -37.89
CA ILE C 16 11.61 -20.66 -37.59
C ILE C 16 12.61 -20.32 -38.70
N VAL C 17 13.72 -19.68 -38.34
CA VAL C 17 14.77 -19.34 -39.31
C VAL C 17 15.79 -20.45 -39.43
N ASN C 18 16.07 -20.87 -40.66
CA ASN C 18 17.02 -21.96 -40.96
C ASN C 18 16.57 -23.31 -40.48
N GLY C 19 15.26 -23.51 -40.44
CA GLY C 19 14.71 -24.81 -40.15
C GLY C 19 14.41 -25.52 -41.46
N GLU C 20 13.49 -26.47 -41.39
CA GLU C 20 13.12 -27.23 -42.57
C GLU C 20 11.66 -27.68 -42.45
N GLU C 21 11.07 -28.04 -43.58
CA GLU C 21 9.72 -28.56 -43.62
C GLU C 21 9.65 -29.87 -42.81
N ALA C 22 8.65 -30.00 -41.93
CA ALA C 22 8.49 -31.22 -41.15
C ALA C 22 7.79 -32.28 -41.97
N VAL C 23 7.91 -33.54 -41.57
CA VAL C 23 7.09 -34.58 -42.14
C VAL C 23 5.65 -34.29 -41.73
N PRO C 24 4.76 -34.16 -42.70
CA PRO C 24 3.34 -33.84 -42.44
C PRO C 24 2.73 -34.78 -41.37
N GLY C 25 2.16 -34.18 -40.33
CA GLY C 25 1.55 -34.97 -39.27
C GLY C 25 2.47 -35.46 -38.16
N SER C 26 3.78 -35.27 -38.32
CA SER C 26 4.75 -35.84 -37.38
C SER C 26 4.89 -35.09 -36.04
N TRP C 27 4.24 -33.92 -35.93
CA TRP C 27 4.13 -33.21 -34.66
C TRP C 27 2.64 -32.97 -34.32
N PRO C 28 1.94 -34.06 -33.95
CA PRO C 28 0.48 -34.07 -33.83
C PRO C 28 -0.09 -33.24 -32.68
N TRP C 29 0.75 -32.81 -31.74
CA TRP C 29 0.28 -31.88 -30.68
C TRP C 29 0.35 -30.41 -31.11
N GLN C 30 1.06 -30.11 -32.19
CA GLN C 30 1.23 -28.71 -32.62
C GLN C 30 -0.07 -28.15 -33.16
N VAL C 31 -0.55 -27.06 -32.56
CA VAL C 31 -1.72 -26.39 -33.10
C VAL C 31 -1.40 -24.96 -33.60
N SER C 32 -2.24 -24.44 -34.48
CA SER C 32 -2.15 -23.06 -34.92
C SER C 32 -3.22 -22.25 -34.22
N LEU C 33 -2.85 -21.12 -33.58
CA LEU C 33 -3.89 -20.25 -33.03
C LEU C 33 -4.23 -19.16 -34.03
N GLN C 34 -5.49 -19.12 -34.47
CA GLN C 34 -5.95 -18.16 -35.46
C GLN C 34 -6.99 -17.21 -34.89
N ASP C 35 -6.99 -15.97 -35.37
CA ASP C 35 -8.05 -15.05 -34.99
C ASP C 35 -9.34 -15.35 -35.75
N LYS C 36 -10.35 -14.52 -35.56
CA LYS C 36 -11.67 -14.85 -36.07
C LYS C 36 -11.75 -14.75 -37.59
N THR C 37 -10.74 -14.13 -38.19
CA THR C 37 -10.67 -14.05 -39.66
C THR C 37 -9.94 -15.25 -40.28
N GLY C 38 -9.28 -16.06 -39.45
CA GLY C 38 -8.50 -17.17 -39.96
C GLY C 38 -6.99 -16.92 -40.02
N PHE C 39 -6.55 -15.84 -39.41
CA PHE C 39 -5.15 -15.42 -39.46
C PHE C 39 -4.32 -16.04 -38.31
N HIS C 40 -3.26 -16.74 -38.66
CA HIS C 40 -2.38 -17.36 -37.65
C HIS C 40 -1.54 -16.31 -36.91
N PHE C 41 -1.59 -16.34 -35.57
CA PHE C 41 -0.80 -15.37 -34.82
C PHE C 41 0.18 -15.97 -33.80
N CYS C 42 -0.11 -17.19 -33.34
CA CYS C 42 0.76 -17.93 -32.41
C CYS C 42 0.54 -19.42 -32.60
N GLY C 43 1.43 -20.21 -32.01
CA GLY C 43 1.22 -21.64 -31.86
C GLY C 43 0.81 -22.09 -30.46
N GLY C 44 0.63 -23.40 -30.32
CA GLY C 44 0.28 -24.01 -29.04
C GLY C 44 0.45 -25.52 -29.14
N SER C 45 0.34 -26.21 -28.00
CA SER C 45 0.43 -27.68 -27.97
C SER C 45 -0.74 -28.33 -27.24
N LEU C 46 -1.28 -29.41 -27.79
CA LEU C 46 -2.26 -30.19 -27.07
C LEU C 46 -1.58 -30.97 -25.93
N ILE C 47 -2.11 -30.88 -24.72
CA ILE C 47 -1.58 -31.67 -23.61
C ILE C 47 -2.57 -32.77 -23.19
N ASN C 48 -3.78 -32.67 -23.74
CA ASN C 48 -4.80 -33.70 -23.66
C ASN C 48 -5.94 -33.30 -24.61
N GLU C 49 -7.02 -34.07 -24.68
CA GLU C 49 -8.09 -33.81 -25.65
C GLU C 49 -8.83 -32.49 -25.44
N ASN C 50 -8.73 -31.91 -24.25
CA ASN C 50 -9.55 -30.76 -23.89
C ASN C 50 -8.76 -29.47 -23.69
N TRP C 51 -7.44 -29.56 -23.64
CA TRP C 51 -6.65 -28.43 -23.16
C TRP C 51 -5.45 -28.19 -24.07
N VAL C 52 -5.17 -26.93 -24.36
CA VAL C 52 -3.99 -26.53 -25.12
C VAL C 52 -3.15 -25.57 -24.28
N VAL C 53 -1.84 -25.71 -24.31
CA VAL C 53 -0.96 -24.78 -23.60
C VAL C 53 -0.26 -23.88 -24.61
N THR C 54 -0.22 -22.58 -24.33
CA THR C 54 0.44 -21.61 -25.23
C THR C 54 1.14 -20.55 -24.37
N ALA C 55 1.68 -19.48 -24.99
CA ALA C 55 2.29 -18.37 -24.24
C ALA C 55 1.27 -17.33 -23.80
N ALA C 56 1.48 -16.74 -22.62
CA ALA C 56 0.57 -15.71 -22.15
C ALA C 56 0.58 -14.46 -23.03
N HIS C 57 1.74 -14.11 -23.58
CA HIS C 57 1.83 -12.86 -24.39
C HIS C 57 1.04 -12.92 -25.70
N CYS C 58 0.61 -14.11 -26.08
CA CYS C 58 -0.22 -14.26 -27.28
C CYS C 58 -1.61 -13.65 -27.13
N GLY C 59 -2.03 -13.40 -25.88
CA GLY C 59 -3.27 -12.67 -25.63
C GLY C 59 -4.53 -13.30 -26.19
N VAL C 60 -4.59 -14.63 -26.17
CA VAL C 60 -5.74 -15.37 -26.72
C VAL C 60 -7.05 -15.00 -26.00
N THR C 61 -8.15 -14.89 -26.75
CA THR C 61 -9.48 -14.77 -26.17
C THR C 61 -10.33 -15.86 -26.81
N THR C 62 -11.58 -15.97 -26.38
CA THR C 62 -12.45 -17.00 -26.92
C THR C 62 -12.97 -16.71 -28.34
N SER C 63 -12.58 -15.57 -28.93
CA SER C 63 -12.94 -15.31 -30.32
CA SER C 63 -12.95 -15.31 -30.32
C SER C 63 -11.92 -15.93 -31.27
N ASP C 64 -10.79 -16.38 -30.71
CA ASP C 64 -9.78 -17.13 -31.45
C ASP C 64 -10.12 -18.63 -31.53
N VAL C 65 -9.52 -19.33 -32.48
CA VAL C 65 -9.77 -20.75 -32.63
C VAL C 65 -8.47 -21.55 -32.61
N VAL C 66 -8.56 -22.79 -32.13
CA VAL C 66 -7.42 -23.68 -32.13
C VAL C 66 -7.57 -24.55 -33.37
N VAL C 67 -6.56 -24.62 -34.22
CA VAL C 67 -6.67 -25.46 -35.42
C VAL C 67 -5.70 -26.63 -35.28
N ALA C 68 -6.21 -27.85 -35.23
CA ALA C 68 -5.36 -29.03 -35.06
C ALA C 68 -5.28 -29.89 -36.31
N GLY C 69 -4.18 -30.64 -36.40
CA GLY C 69 -4.00 -31.62 -37.47
C GLY C 69 -3.49 -30.97 -38.73
N GLU C 70 -3.00 -29.74 -38.61
CA GLU C 70 -2.60 -28.99 -39.80
C GLU C 70 -1.13 -29.22 -40.15
N PHE C 71 -0.84 -29.13 -41.44
CA PHE C 71 0.53 -29.07 -41.92
C PHE C 71 0.69 -27.86 -42.84
N ASP C 72 -0.17 -27.77 -43.86
CA ASP C 72 -0.10 -26.70 -44.85
C ASP C 72 -1.27 -25.71 -44.66
N GLN C 73 -0.95 -24.49 -44.26
CA GLN C 73 -1.96 -23.46 -44.02
C GLN C 73 -2.75 -23.06 -45.28
N GLY C 74 -2.34 -23.61 -46.42
CA GLY C 74 -3.08 -23.46 -47.66
C GLY C 74 -3.21 -24.79 -48.38
N SER C 75 -4.08 -25.66 -47.88
CA SER C 75 -4.23 -27.03 -48.39
C SER C 75 -5.69 -27.48 -48.44
N SER C 76 -6.25 -27.75 -47.27
CA SER C 76 -7.66 -28.10 -47.11
C SER C 76 -7.96 -29.60 -47.21
N SER C 77 -7.28 -30.30 -48.12
CA SER C 77 -7.49 -31.74 -48.29
C SER C 77 -7.31 -32.50 -46.99
N GLU C 78 -6.27 -32.14 -46.24
CA GLU C 78 -5.98 -32.76 -44.95
C GLU C 78 -7.12 -32.54 -43.95
N LYS C 79 -7.37 -33.52 -43.10
CA LYS C 79 -8.43 -33.44 -42.11
C LYS C 79 -8.02 -32.60 -40.91
N ILE C 80 -8.43 -31.34 -40.91
CA ILE C 80 -8.11 -30.44 -39.81
C ILE C 80 -9.32 -30.21 -38.92
N GLN C 81 -9.06 -29.92 -37.65
CA GLN C 81 -10.10 -29.63 -36.69
C GLN C 81 -10.03 -28.18 -36.23
N LYS C 82 -11.08 -27.43 -36.50
CA LYS C 82 -11.18 -26.04 -36.03
C LYS C 82 -11.97 -26.05 -34.76
N LEU C 83 -11.25 -25.93 -33.64
CA LEU C 83 -11.82 -26.08 -32.31
C LEU C 83 -12.06 -24.73 -31.64
N LYS C 84 -13.28 -24.52 -31.15
CA LYS C 84 -13.63 -23.32 -30.39
C LYS C 84 -13.05 -23.38 -28.97
N ILE C 85 -12.73 -22.20 -28.45
CA ILE C 85 -12.14 -22.06 -27.12
C ILE C 85 -13.24 -21.60 -26.17
N ALA C 86 -13.49 -22.37 -25.10
CA ALA C 86 -14.56 -22.06 -24.14
C ALA C 86 -14.08 -21.09 -23.06
N LYS C 87 -12.86 -21.28 -22.59
CA LYS C 87 -12.32 -20.41 -21.55
C LYS C 87 -10.80 -20.29 -21.66
N VAL C 88 -10.28 -19.13 -21.26
CA VAL C 88 -8.86 -18.85 -21.29
C VAL C 88 -8.32 -18.62 -19.87
N PHE C 89 -7.20 -19.26 -19.56
CA PHE C 89 -6.56 -19.16 -18.24
C PHE C 89 -5.12 -18.67 -18.31
N LYS C 90 -4.95 -17.36 -18.32
CA LYS C 90 -3.61 -16.80 -18.30
CA LYS C 90 -3.64 -16.72 -18.30
C LYS C 90 -3.06 -16.88 -16.89
N ASN C 91 -1.79 -17.28 -16.79
CA ASN C 91 -1.13 -17.37 -15.49
C ASN C 91 -1.16 -16.03 -14.79
N SER C 92 -1.73 -15.99 -13.59
CA SER C 92 -1.84 -14.72 -12.86
C SER C 92 -0.45 -14.15 -12.56
N LYS C 93 0.54 -15.05 -12.46
CA LYS C 93 1.89 -14.64 -12.15
C LYS C 93 2.68 -14.16 -13.36
N TYR C 94 2.02 -14.08 -14.52
CA TYR C 94 2.70 -13.62 -15.73
C TYR C 94 3.09 -12.18 -15.55
N ASN C 95 4.35 -11.88 -15.82
CA ASN C 95 4.86 -10.53 -15.72
C ASN C 95 5.10 -9.92 -17.09
N SER C 96 4.20 -9.04 -17.50
CA SER C 96 4.31 -8.41 -18.81
C SER C 96 5.58 -7.56 -18.98
N LEU C 97 6.22 -7.21 -17.87
CA LEU C 97 7.47 -6.46 -17.94
C LEU C 97 8.68 -7.38 -18.26
N THR C 98 8.77 -8.49 -17.54
CA THR C 98 9.93 -9.35 -17.65
C THR C 98 9.67 -10.57 -18.55
N ILE C 99 8.40 -10.83 -18.81
CA ILE C 99 7.96 -11.98 -19.62
C ILE C 99 8.08 -13.30 -18.86
N ASN C 100 8.23 -13.24 -17.54
CA ASN C 100 8.39 -14.45 -16.75
C ASN C 100 7.04 -15.07 -16.55
N ASN C 101 7.02 -16.38 -16.38
CA ASN C 101 5.77 -17.13 -16.27
C ASN C 101 4.88 -16.90 -17.51
N ASP C 102 5.50 -17.01 -18.69
CA ASP C 102 4.81 -16.70 -19.94
C ASP C 102 3.98 -17.89 -20.43
N ILE C 103 2.88 -18.16 -19.73
CA ILE C 103 2.07 -19.35 -20.00
C ILE C 103 0.57 -19.14 -19.80
N THR C 104 -0.18 -19.70 -20.71
CA THR C 104 -1.64 -19.65 -20.73
C THR C 104 -2.21 -20.97 -21.14
N LEU C 105 -3.27 -21.39 -20.46
CA LEU C 105 -4.00 -22.62 -20.80
C LEU C 105 -5.34 -22.33 -21.50
N LEU C 106 -5.70 -23.13 -22.50
CA LEU C 106 -6.96 -22.93 -23.21
C LEU C 106 -7.81 -24.18 -23.07
N LYS C 107 -9.01 -24.03 -22.52
CA LYS C 107 -9.94 -25.15 -22.43
C LYS C 107 -10.90 -25.11 -23.63
N LEU C 108 -10.95 -26.20 -24.39
CA LEU C 108 -11.76 -26.25 -25.61
C LEU C 108 -13.25 -26.42 -25.30
N SER C 109 -14.11 -25.86 -26.15
CA SER C 109 -15.56 -26.02 -25.95
C SER C 109 -15.95 -27.45 -26.23
N THR C 110 -15.31 -28.02 -27.25
CA THR C 110 -15.58 -29.40 -27.66
C THR C 110 -14.25 -30.11 -27.75
N ALA C 111 -14.19 -31.32 -27.22
CA ALA C 111 -12.96 -32.09 -27.22
C ALA C 111 -12.39 -32.27 -28.63
N ALA C 112 -11.09 -32.03 -28.78
CA ALA C 112 -10.37 -32.45 -29.97
C ALA C 112 -10.53 -33.96 -30.11
N SER C 113 -10.60 -34.45 -31.36
CA SER C 113 -10.68 -35.87 -31.61
C SER C 113 -9.31 -36.42 -32.00
N PHE C 114 -8.74 -37.26 -31.15
CA PHE C 114 -7.37 -37.69 -31.36
C PHE C 114 -7.32 -38.72 -32.48
N SER C 115 -6.24 -38.70 -33.26
CA SER C 115 -6.09 -39.56 -34.42
C SER C 115 -4.60 -39.71 -34.70
N GLN C 116 -4.26 -40.21 -35.88
CA GLN C 116 -2.86 -40.27 -36.29
C GLN C 116 -2.19 -38.91 -36.23
N THR C 117 -2.88 -37.88 -36.72
CA THR C 117 -2.29 -36.55 -36.86
C THR C 117 -2.65 -35.59 -35.74
N VAL C 118 -3.34 -36.06 -34.71
CA VAL C 118 -3.69 -35.17 -33.61
C VAL C 118 -3.64 -35.95 -32.30
N SER C 119 -2.72 -35.57 -31.42
CA SER C 119 -2.55 -36.26 -30.14
C SER C 119 -1.71 -35.37 -29.21
N ALA C 120 -1.48 -35.82 -27.97
CA ALA C 120 -0.91 -34.97 -26.90
C ALA C 120 0.61 -35.06 -26.74
N VAL C 121 1.25 -33.93 -26.43
CA VAL C 121 2.66 -33.97 -26.03
C VAL C 121 2.70 -34.36 -24.55
N CYS C 122 3.80 -34.97 -24.10
CA CYS C 122 3.94 -35.28 -22.67
C CYS C 122 4.37 -34.04 -21.89
N LEU C 123 3.98 -33.96 -20.62
CA LEU C 123 4.49 -32.92 -19.74
C LEU C 123 5.51 -33.53 -18.79
N PRO C 124 6.51 -32.74 -18.40
CA PRO C 124 7.51 -33.22 -17.43
C PRO C 124 7.00 -33.10 -16.00
N SER C 125 7.68 -33.75 -15.07
CA SER C 125 7.40 -33.49 -13.67
C SER C 125 8.22 -32.26 -13.27
N ALA C 126 7.82 -31.62 -12.19
CA ALA C 126 8.49 -30.41 -11.74
C ALA C 126 9.97 -30.64 -11.47
N SER C 127 10.34 -31.88 -11.15
CA SER C 127 11.71 -32.14 -10.69
C SER C 127 12.66 -32.62 -11.77
N ASP C 128 12.16 -32.72 -13.00
CA ASP C 128 12.92 -33.26 -14.12
C ASP C 128 14.10 -32.38 -14.48
N ASP C 129 15.19 -33.01 -14.87
CA ASP C 129 16.39 -32.30 -15.23
C ASP C 129 16.75 -32.58 -16.69
N PHE C 130 16.68 -31.56 -17.53
CA PHE C 130 17.14 -31.70 -18.90
C PHE C 130 18.50 -31.03 -19.02
N ALA C 131 19.52 -31.83 -19.32
CA ALA C 131 20.90 -31.36 -19.25
C ALA C 131 21.25 -30.37 -20.36
N ALA C 132 22.22 -29.50 -20.08
CA ALA C 132 22.74 -28.57 -21.07
C ALA C 132 23.41 -29.36 -22.22
N GLY C 133 23.16 -28.94 -23.44
CA GLY C 133 23.72 -29.62 -24.60
C GLY C 133 22.81 -30.67 -25.20
N THR C 134 21.76 -31.03 -24.47
CA THR C 134 20.75 -31.95 -24.98
C THR C 134 20.21 -31.41 -26.29
N THR C 135 20.07 -32.27 -27.30
CA THR C 135 19.46 -31.86 -28.57
C THR C 135 17.94 -31.95 -28.52
N CYS C 136 17.28 -30.81 -28.72
CA CYS C 136 15.82 -30.74 -28.67
C CYS C 136 15.26 -30.25 -29.99
N VAL C 137 13.94 -30.19 -30.10
CA VAL C 137 13.30 -29.71 -31.33
C VAL C 137 12.22 -28.66 -31.03
N THR C 138 12.17 -27.63 -31.87
CA THR C 138 11.07 -26.67 -31.80
C THR C 138 10.39 -26.63 -33.18
N THR C 139 9.10 -26.35 -33.17
CA THR C 139 8.30 -26.35 -34.39
C THR C 139 7.34 -25.17 -34.41
N GLY C 140 6.89 -24.81 -35.63
CA GLY C 140 5.91 -23.76 -35.78
C GLY C 140 5.84 -23.18 -37.19
N TRP C 141 4.91 -22.24 -37.37
CA TRP C 141 4.67 -21.59 -38.65
C TRP C 141 5.19 -20.15 -38.59
N GLY C 142 6.15 -19.88 -37.70
CA GLY C 142 6.74 -18.55 -37.65
C GLY C 142 7.48 -18.20 -38.94
N LEU C 143 7.82 -16.92 -39.12
CA LEU C 143 8.62 -16.49 -40.27
C LEU C 143 9.88 -17.34 -40.45
N THR C 144 10.16 -17.71 -41.70
CA THR C 144 11.39 -18.44 -42.01
C THR C 144 12.51 -17.47 -42.37
N ARG C 145 12.11 -16.23 -42.61
CA ARG C 145 12.99 -15.12 -42.96
C ARG C 145 12.48 -13.99 -42.08
N TYR C 146 13.36 -13.22 -41.42
CA TYR C 146 12.85 -12.05 -40.69
C TYR C 146 12.68 -10.85 -41.60
N ALA C 149 7.92 -10.67 -43.58
CA ALA C 149 7.23 -11.27 -44.71
C ALA C 149 5.90 -11.91 -44.27
N ASN C 150 5.50 -12.97 -44.97
CA ASN C 150 4.35 -13.77 -44.57
C ASN C 150 4.81 -15.11 -44.00
N THR C 151 3.99 -15.72 -43.14
CA THR C 151 4.37 -16.98 -42.53
C THR C 151 4.32 -18.12 -43.54
N PRO C 152 5.22 -19.12 -43.41
CA PRO C 152 5.31 -20.20 -44.40
C PRO C 152 4.07 -21.08 -44.36
N ASP C 153 3.74 -21.67 -45.49
CA ASP C 153 2.59 -22.56 -45.58
C ASP C 153 2.78 -23.75 -44.67
N ARG C 154 3.90 -24.42 -44.83
CA ARG C 154 4.10 -25.73 -44.22
C ARG C 154 4.78 -25.63 -42.86
N LEU C 155 4.37 -26.52 -41.96
CA LEU C 155 4.98 -26.54 -40.63
C LEU C 155 6.51 -26.77 -40.71
N GLN C 156 7.26 -25.99 -39.94
CA GLN C 156 8.72 -26.09 -39.90
C GLN C 156 9.18 -26.71 -38.60
N GLN C 157 10.41 -27.23 -38.62
CA GLN C 157 11.05 -27.81 -37.42
C GLN C 157 12.52 -27.45 -37.46
N ALA C 158 13.18 -27.58 -36.32
CA ALA C 158 14.60 -27.27 -36.20
C ALA C 158 15.12 -27.95 -34.95
N SER C 159 16.26 -28.64 -35.10
CA SER C 159 16.99 -29.20 -33.96
C SER C 159 17.83 -28.08 -33.36
N LEU C 160 18.00 -28.12 -32.03
CA LEU C 160 18.78 -27.12 -31.34
C LEU C 160 19.08 -27.59 -29.90
N PRO C 161 20.23 -27.17 -29.35
CA PRO C 161 20.67 -27.62 -28.01
C PRO C 161 20.19 -26.71 -26.88
N LEU C 162 19.96 -27.29 -25.71
CA LEU C 162 19.67 -26.49 -24.51
C LEU C 162 20.95 -25.81 -24.04
N LEU C 163 20.86 -24.55 -23.62
CA LEU C 163 22.05 -23.90 -23.08
C LEU C 163 22.13 -24.08 -21.57
N SER C 164 23.34 -24.30 -21.05
CA SER C 164 23.51 -24.20 -19.61
C SER C 164 22.92 -22.87 -19.16
N ASN C 165 22.54 -22.78 -17.88
CA ASN C 165 22.01 -21.51 -17.41
C ASN C 165 23.09 -20.45 -17.27
N THR C 166 24.32 -20.89 -17.05
CA THR C 166 25.44 -19.97 -17.03
C THR C 166 25.58 -19.31 -18.39
N ASN C 167 25.52 -20.12 -19.44
CA ASN C 167 25.66 -19.60 -20.79
C ASN C 167 24.52 -18.69 -21.22
N CYS C 168 23.28 -19.02 -20.85
CA CYS C 168 22.21 -18.10 -21.23
C CYS C 168 22.29 -16.74 -20.54
N LYS C 169 22.69 -16.71 -19.27
CA LYS C 169 22.89 -15.43 -18.59
C LYS C 169 24.08 -14.68 -19.15
N LYS C 170 25.07 -15.42 -19.64
CA LYS C 170 26.19 -14.76 -20.29
C LYS C 170 25.71 -13.88 -21.44
N TYR C 171 24.72 -14.34 -22.21
CA TYR C 171 24.11 -13.56 -23.30
CA TYR C 171 24.22 -13.46 -23.26
C TYR C 171 23.14 -12.49 -22.80
N TRP C 172 22.12 -12.97 -22.08
CA TRP C 172 20.94 -12.17 -21.73
C TRP C 172 20.93 -11.50 -20.34
N GLY C 173 21.94 -11.74 -19.51
CA GLY C 173 22.03 -11.13 -18.19
C GLY C 173 20.78 -11.29 -17.32
N THR C 174 20.35 -10.21 -16.70
CA THR C 174 19.23 -10.29 -15.76
C THR C 174 17.89 -10.60 -16.42
N LYS C 175 17.82 -10.59 -17.74
CA LYS C 175 16.54 -10.84 -18.41
C LYS C 175 16.09 -12.29 -18.27
N ILE C 176 17.01 -13.17 -17.88
CA ILE C 176 16.68 -14.58 -17.70
C ILE C 176 16.14 -14.81 -16.30
N LYS C 177 14.87 -15.20 -16.19
CA LYS C 177 14.21 -15.39 -14.89
C LYS C 177 13.96 -16.89 -14.65
N ASP C 178 13.37 -17.22 -13.50
CA ASP C 178 13.31 -18.60 -13.02
C ASP C 178 12.56 -19.57 -13.94
N ALA C 179 11.43 -19.12 -14.48
CA ALA C 179 10.65 -19.98 -15.36
C ALA C 179 11.02 -19.75 -16.82
N MET C 180 12.28 -19.43 -17.11
CA MET C 180 12.77 -19.36 -18.49
C MET C 180 13.90 -20.35 -18.71
N ILE C 181 13.98 -20.89 -19.91
CA ILE C 181 15.08 -21.78 -20.28
C ILE C 181 15.55 -21.44 -21.69
N CYS C 182 16.86 -21.50 -21.93
CA CYS C 182 17.40 -21.08 -23.21
C CYS C 182 17.80 -22.24 -24.14
N ALA C 183 17.59 -22.04 -25.44
CA ALA C 183 17.97 -23.03 -26.45
C ALA C 183 18.34 -22.34 -27.75
N GLY C 184 19.29 -22.93 -28.48
CA GLY C 184 19.65 -22.40 -29.79
C GLY C 184 20.99 -21.71 -29.84
N ALA C 185 21.00 -20.53 -30.45
CA ALA C 185 22.25 -19.79 -30.72
C ALA C 185 23.14 -20.63 -31.62
N SER C 186 22.51 -21.60 -32.27
CA SER C 186 23.22 -22.67 -32.96
C SER C 186 23.01 -22.63 -34.47
N GLY C 187 22.64 -21.47 -35.00
CA GLY C 187 22.41 -21.34 -36.43
C GLY C 187 20.94 -21.45 -36.81
N VAL C 188 20.08 -21.58 -35.80
CA VAL C 188 18.63 -21.57 -36.04
C VAL C 188 17.99 -20.62 -35.05
N SER C 189 16.76 -20.20 -35.33
CA SER C 189 16.04 -19.35 -34.41
C SER C 189 14.52 -19.51 -34.53
N SER C 190 13.83 -19.39 -33.40
CA SER C 190 12.38 -19.19 -33.44
C SER C 190 12.21 -17.78 -33.98
N CYS C 191 11.06 -17.51 -34.60
CA CYS C 191 10.82 -16.20 -35.17
C CYS C 191 9.31 -15.82 -35.09
N MET C 192 8.91 -14.70 -35.69
CA MET C 192 7.57 -14.14 -35.46
CA MET C 192 7.58 -14.14 -35.45
C MET C 192 6.47 -15.08 -35.90
N GLY C 193 5.64 -15.53 -34.95
CA GLY C 193 4.57 -16.47 -35.24
C GLY C 193 4.81 -17.85 -34.67
N ASP C 194 6.01 -18.05 -34.11
CA ASP C 194 6.34 -19.30 -33.41
C ASP C 194 5.89 -19.33 -31.94
N SER C 195 5.65 -18.16 -31.36
CA SER C 195 5.22 -18.04 -29.95
C SER C 195 4.12 -19.00 -29.55
N GLY C 196 4.26 -19.57 -28.36
CA GLY C 196 3.24 -20.42 -27.78
C GLY C 196 3.40 -21.87 -28.19
N GLY C 197 4.19 -22.10 -29.23
CA GLY C 197 4.49 -23.43 -29.71
C GLY C 197 5.50 -24.15 -28.82
N PRO C 198 5.79 -25.41 -29.14
CA PRO C 198 6.60 -26.32 -28.32
C PRO C 198 8.12 -26.29 -28.54
N LEU C 199 8.82 -26.59 -27.46
CA LEU C 199 10.21 -27.03 -27.50
C LEU C 199 10.15 -28.39 -26.81
N VAL C 200 10.40 -29.45 -27.56
CA VAL C 200 10.28 -30.81 -27.03
C VAL C 200 11.62 -31.54 -26.98
N CYS C 201 11.82 -32.33 -25.93
CA CYS C 201 12.99 -33.19 -25.83
C CYS C 201 12.50 -34.61 -25.57
N LYS C 202 13.25 -35.58 -26.08
CA LYS C 202 12.79 -36.98 -26.13
C LYS C 202 13.18 -37.76 -24.89
N LYS C 203 12.33 -37.70 -23.86
CA LYS C 203 12.52 -38.42 -22.59
C LYS C 203 11.97 -39.85 -22.63
N ASN C 204 12.84 -40.85 -22.72
CA ASN C 204 12.44 -42.26 -22.64
C ASN C 204 11.58 -42.72 -23.83
N GLY C 205 12.00 -42.35 -25.03
CA GLY C 205 11.26 -42.68 -26.24
C GLY C 205 10.08 -41.75 -26.52
N ALA C 206 9.76 -40.86 -25.58
CA ALA C 206 8.60 -40.00 -25.75
C ALA C 206 8.97 -38.53 -25.72
N TRP C 207 8.38 -37.75 -26.63
CA TRP C 207 8.62 -36.31 -26.66
C TRP C 207 7.88 -35.63 -25.50
N THR C 208 8.61 -34.80 -24.77
CA THR C 208 8.08 -34.14 -23.58
C THR C 208 8.25 -32.63 -23.70
N LEU C 209 7.27 -31.86 -23.21
CA LEU C 209 7.28 -30.42 -23.39
C LEU C 209 8.18 -29.74 -22.36
N VAL C 210 9.34 -29.26 -22.81
CA VAL C 210 10.35 -28.66 -21.93
C VAL C 210 10.30 -27.12 -21.95
N GLY C 211 9.88 -26.58 -23.09
CA GLY C 211 9.76 -25.16 -23.27
C GLY C 211 8.55 -24.76 -24.11
N ILE C 212 8.12 -23.52 -23.93
CA ILE C 212 7.10 -22.91 -24.79
C ILE C 212 7.78 -21.69 -25.41
N VAL C 213 7.71 -21.58 -26.74
CA VAL C 213 8.36 -20.50 -27.47
C VAL C 213 7.89 -19.19 -26.85
N SER C 214 8.83 -18.34 -26.45
CA SER C 214 8.49 -17.11 -25.73
C SER C 214 9.14 -15.84 -26.34
N TRP C 215 10.45 -15.69 -26.19
CA TRP C 215 11.14 -14.52 -26.72
C TRP C 215 12.56 -14.81 -27.19
N GLY C 216 13.17 -13.80 -27.79
CA GLY C 216 14.51 -13.92 -28.35
C GLY C 216 14.98 -12.61 -28.98
N SER C 217 15.99 -12.73 -29.83
CA SER C 217 16.46 -11.63 -30.64
C SER C 217 15.31 -10.99 -31.39
N SER C 218 15.17 -9.67 -31.29
CA SER C 218 14.07 -8.99 -31.98
C SER C 218 14.16 -9.16 -33.50
N THR C 219 15.30 -9.65 -34.00
CA THR C 219 15.48 -9.86 -35.43
C THR C 219 15.69 -11.33 -35.75
N CYS C 220 15.44 -12.20 -34.79
CA CYS C 220 15.53 -13.64 -35.04
C CYS C 220 16.95 -14.10 -35.41
N SER C 221 17.94 -13.37 -34.90
CA SER C 221 19.34 -13.78 -35.04
C SER C 221 19.54 -15.25 -34.66
N THR C 222 20.34 -15.96 -35.45
CA THR C 222 20.57 -17.37 -35.18
C THR C 222 21.82 -17.61 -34.35
N SER C 223 22.51 -16.52 -33.99
CA SER C 223 23.70 -16.63 -33.14
C SER C 223 23.39 -16.24 -31.69
N THR C 224 22.13 -15.93 -31.39
CA THR C 224 21.75 -15.66 -30.00
C THR C 224 20.67 -16.63 -29.51
N PRO C 225 20.70 -17.00 -28.22
CA PRO C 225 19.82 -18.08 -27.75
C PRO C 225 18.35 -17.67 -27.72
N GLY C 226 17.49 -18.59 -28.16
CA GLY C 226 16.06 -18.39 -28.02
C GLY C 226 15.77 -18.57 -26.53
N VAL C 227 14.71 -17.93 -26.04
CA VAL C 227 14.30 -18.07 -24.64
C VAL C 227 12.87 -18.63 -24.57
N TYR C 228 12.69 -19.67 -23.76
CA TYR C 228 11.45 -20.42 -23.72
C TYR C 228 10.91 -20.45 -22.30
N ALA C 229 9.59 -20.48 -22.16
CA ALA C 229 9.00 -20.63 -20.84
C ALA C 229 9.37 -22.04 -20.35
N ARG C 230 9.93 -22.12 -19.14
CA ARG C 230 10.45 -23.38 -18.61
C ARG C 230 9.33 -24.21 -17.97
N VAL C 231 8.90 -25.24 -18.68
CA VAL C 231 7.72 -26.01 -18.28
C VAL C 231 7.86 -26.71 -16.91
N THR C 232 9.02 -27.27 -16.60
CA THR C 232 9.21 -27.83 -15.25
C THR C 232 8.82 -26.83 -14.15
N ALA C 233 9.07 -25.54 -14.39
CA ALA C 233 8.80 -24.53 -13.35
C ALA C 233 7.33 -24.11 -13.36
N LEU C 234 6.59 -24.60 -14.35
CA LEU C 234 5.24 -24.13 -14.58
C LEU C 234 4.22 -25.26 -14.51
N VAL C 235 4.70 -26.50 -14.51
CA VAL C 235 3.78 -27.64 -14.61
C VAL C 235 2.84 -27.80 -13.40
N ASN C 236 3.30 -27.45 -12.20
CA ASN C 236 2.41 -27.48 -11.04
C ASN C 236 1.23 -26.52 -11.22
N TRP C 237 1.49 -25.32 -11.75
CA TRP C 237 0.41 -24.39 -12.06
C TRP C 237 -0.53 -25.02 -13.10
N VAL C 238 0.02 -25.70 -14.10
CA VAL C 238 -0.80 -26.32 -15.11
C VAL C 238 -1.77 -27.33 -14.47
N GLN C 239 -1.22 -28.25 -13.68
CA GLN C 239 -2.04 -29.27 -13.03
C GLN C 239 -3.08 -28.66 -12.10
N GLN C 240 -2.68 -27.68 -11.31
CA GLN C 240 -3.64 -27.00 -10.43
C GLN C 240 -4.79 -26.40 -11.24
N THR C 241 -4.45 -25.87 -12.41
CA THR C 241 -5.41 -25.16 -13.25
C THR C 241 -6.41 -26.12 -13.87
N LEU C 242 -5.90 -27.23 -14.41
CA LEU C 242 -6.78 -28.27 -14.94
C LEU C 242 -7.76 -28.79 -13.87
N ALA C 243 -7.23 -29.14 -12.70
CA ALA C 243 -8.02 -29.75 -11.62
C ALA C 243 -9.15 -28.85 -11.14
N ALA C 244 -8.87 -27.55 -11.08
CA ALA C 244 -9.85 -26.55 -10.62
C ALA C 244 -10.92 -26.19 -11.67
N ASN C 245 -10.61 -26.39 -12.94
CA ASN C 245 -11.51 -25.98 -14.01
C ASN C 245 -11.99 -27.08 -14.92
N SER D 1 5.06 13.63 -29.33
CA SER D 1 4.44 12.93 -28.22
C SER D 1 4.74 11.45 -28.32
N ILE D 2 3.72 10.65 -28.55
CA ILE D 2 3.93 9.22 -28.73
C ILE D 2 4.40 8.90 -30.16
N CYS D 3 3.98 9.70 -31.14
CA CYS D 3 4.36 9.49 -32.53
C CYS D 3 5.85 9.71 -32.75
N SER D 4 6.50 10.30 -31.76
CA SER D 4 7.92 10.55 -31.86
C SER D 4 8.69 9.33 -31.41
N GLU D 5 8.07 8.55 -30.54
CA GLU D 5 8.65 7.29 -30.10
C GLU D 5 9.06 6.45 -31.31
N PRO D 6 10.06 5.57 -31.12
CA PRO D 6 10.61 4.76 -32.20
C PRO D 6 9.84 3.45 -32.40
N LYS D 7 10.09 2.76 -33.50
CA LYS D 7 9.43 1.50 -33.75
C LYS D 7 9.99 0.52 -32.75
N LYS D 8 9.11 -0.14 -31.99
CA LYS D 8 9.55 -1.14 -31.03
C LYS D 8 8.86 -2.47 -31.28
N VAL D 9 9.60 -3.39 -31.91
CA VAL D 9 9.10 -4.73 -32.18
C VAL D 9 9.05 -5.57 -30.89
N GLY D 10 10.04 -5.41 -30.02
CA GLY D 10 10.19 -6.21 -28.82
C GLY D 10 10.65 -7.62 -29.10
N ARG D 11 10.81 -8.42 -28.05
CA ARG D 11 11.52 -9.69 -28.18
C ARG D 11 10.62 -10.90 -28.26
N CYS D 12 9.31 -10.71 -28.04
CA CYS D 12 8.39 -11.86 -28.07
C CYS D 12 8.23 -12.38 -29.50
N LYS D 13 7.79 -13.62 -29.65
CA LYS D 13 7.77 -14.23 -30.98
C LYS D 13 6.38 -14.40 -31.56
N GLY D 14 5.49 -13.44 -31.28
CA GLY D 14 4.13 -13.50 -31.82
C GLY D 14 4.11 -12.95 -33.25
N TYR D 15 2.97 -13.06 -33.92
CA TYR D 15 2.87 -12.41 -35.24
C TYR D 15 1.68 -11.48 -35.23
N PHE D 16 1.96 -10.21 -34.90
CA PHE D 16 0.94 -9.18 -34.73
C PHE D 16 1.21 -7.95 -35.61
N PRO D 17 0.67 -7.94 -36.84
CA PRO D 17 0.87 -6.75 -37.70
C PRO D 17 0.32 -5.49 -37.06
N ARG D 18 1.13 -4.44 -37.02
CA ARG D 18 0.70 -3.15 -36.49
C ARG D 18 1.21 -2.04 -37.38
N PHE D 19 0.97 -0.80 -36.97
CA PHE D 19 1.48 0.36 -37.68
C PHE D 19 2.20 1.23 -36.67
N TYR D 20 3.24 1.92 -37.11
CA TYR D 20 3.88 2.92 -36.30
C TYR D 20 4.12 4.17 -37.16
N PHE D 21 4.20 5.33 -36.52
CA PHE D 21 4.48 6.56 -37.26
C PHE D 21 5.98 6.74 -37.45
N ASP D 22 6.42 6.81 -38.70
CA ASP D 22 7.83 7.00 -38.98
C ASP D 22 8.12 8.49 -39.13
N SER D 23 9.13 8.97 -38.42
CA SER D 23 9.43 10.40 -38.44
C SER D 23 10.48 10.78 -39.49
N GLU D 24 11.18 9.78 -40.02
CA GLU D 24 12.12 10.00 -41.11
C GLU D 24 11.39 10.14 -42.44
N THR D 25 10.24 9.48 -42.56
CA THR D 25 9.42 9.59 -43.75
C THR D 25 8.12 10.33 -43.46
N GLY D 26 7.89 10.61 -42.17
CA GLY D 26 6.67 11.27 -41.75
C GLY D 26 5.41 10.51 -42.12
N LYS D 27 5.50 9.18 -42.24
CA LYS D 27 4.31 8.41 -42.59
C LYS D 27 4.05 7.15 -41.75
N CYS D 28 2.79 6.76 -41.67
CA CYS D 28 2.37 5.58 -40.92
C CYS D 28 2.77 4.31 -41.66
N THR D 29 3.44 3.40 -40.95
CA THR D 29 4.14 2.30 -41.59
C THR D 29 3.90 0.94 -40.92
N PRO D 30 3.51 -0.07 -41.71
CA PRO D 30 3.26 -1.39 -41.12
C PRO D 30 4.54 -2.02 -40.56
N PHE D 31 4.42 -2.68 -39.40
CA PHE D 31 5.49 -3.55 -38.92
C PHE D 31 4.85 -4.75 -38.25
N ILE D 32 5.65 -5.78 -37.98
CA ILE D 32 5.19 -6.95 -37.25
C ILE D 32 5.61 -6.75 -35.81
N TYR D 33 4.64 -6.65 -34.91
CA TYR D 33 4.92 -6.57 -33.49
C TYR D 33 4.91 -7.97 -32.90
N GLY D 34 5.87 -8.24 -32.02
CA GLY D 34 6.02 -9.54 -31.39
C GLY D 34 5.07 -9.89 -30.25
N GLY D 35 4.34 -8.89 -29.76
CA GLY D 35 3.34 -9.10 -28.72
C GLY D 35 3.68 -8.72 -27.28
N CYS D 36 4.91 -8.28 -27.01
CA CYS D 36 5.25 -7.78 -25.68
C CYS D 36 6.28 -6.65 -25.73
N GLY D 37 6.29 -5.83 -24.68
CA GLY D 37 7.31 -4.81 -24.49
C GLY D 37 7.17 -3.62 -25.42
N GLY D 38 6.00 -3.49 -26.03
CA GLY D 38 5.75 -2.41 -26.97
C GLY D 38 5.77 -1.02 -26.37
N ASN D 39 5.62 -0.01 -27.21
CA ASN D 39 5.51 1.35 -26.72
C ASN D 39 4.26 2.05 -27.24
N GLY D 40 4.27 3.38 -27.24
CA GLY D 40 3.09 4.13 -27.64
C GLY D 40 2.84 4.18 -29.15
N ASN D 41 3.92 4.23 -29.91
CA ASN D 41 3.80 4.32 -31.35
C ASN D 41 3.44 2.95 -31.91
N ASN D 42 2.23 2.49 -31.60
CA ASN D 42 1.82 1.14 -31.91
C ASN D 42 0.30 1.05 -32.08
N PHE D 43 -0.15 1.01 -33.34
CA PHE D 43 -1.57 1.07 -33.65
C PHE D 43 -2.08 -0.13 -34.44
N GLU D 44 -3.34 -0.49 -34.23
CA GLU D 44 -3.95 -1.60 -34.93
C GLU D 44 -4.12 -1.37 -36.45
N THR D 45 -4.49 -0.15 -36.83
CA THR D 45 -4.78 0.13 -38.25
C THR D 45 -4.04 1.36 -38.77
N LEU D 46 -3.94 1.44 -40.09
CA LEU D 46 -3.39 2.64 -40.71
C LEU D 46 -4.20 3.87 -40.30
N HIS D 47 -5.52 3.72 -40.28
CA HIS D 47 -6.40 4.85 -39.98
C HIS D 47 -6.26 5.35 -38.54
N GLN D 48 -6.17 4.42 -37.60
CA GLN D 48 -5.91 4.79 -36.21
C GLN D 48 -4.61 5.59 -36.09
N CYS D 49 -3.54 5.06 -36.69
CA CYS D 49 -2.24 5.72 -36.61
C CYS D 49 -2.30 7.12 -37.25
N ARG D 50 -2.92 7.22 -38.43
CA ARG D 50 -3.01 8.51 -39.11
C ARG D 50 -3.89 9.48 -38.35
N ALA D 51 -4.89 8.95 -37.66
CA ALA D 51 -5.82 9.80 -36.92
C ALA D 51 -5.14 10.47 -35.72
N ILE D 52 -4.12 9.82 -35.17
CA ILE D 52 -3.45 10.36 -34.00
C ILE D 52 -2.21 11.18 -34.40
N CYS D 53 -1.42 10.63 -35.31
CA CYS D 53 -0.12 11.21 -35.66
C CYS D 53 -0.12 11.96 -37.01
N ARG D 54 -1.21 11.82 -37.75
CA ARG D 54 -1.38 12.53 -39.02
C ARG D 54 -0.22 12.30 -39.98
N CYS E 1 -6.30 16.57 42.14
CA CYS E 1 -7.13 16.88 40.98
C CYS E 1 -8.49 17.39 41.41
N GLY E 2 -9.19 18.05 40.49
CA GLY E 2 -10.58 18.43 40.70
C GLY E 2 -10.84 19.52 41.73
N VAL E 3 -9.79 20.19 42.19
CA VAL E 3 -9.94 21.26 43.18
C VAL E 3 -9.26 22.54 42.72
N PRO E 4 -10.01 23.40 42.02
CA PRO E 4 -9.48 24.66 41.49
C PRO E 4 -8.96 25.59 42.59
N ALA E 5 -7.78 26.16 42.38
CA ALA E 5 -7.24 27.17 43.29
C ALA E 5 -8.18 28.36 43.39
N ILE E 6 -8.59 28.88 42.24
CA ILE E 6 -9.59 29.94 42.16
C ILE E 6 -10.98 29.33 42.09
N GLN E 7 -11.75 29.44 43.17
CA GLN E 7 -13.06 28.80 43.22
C GLN E 7 -14.08 29.37 42.24
N PRO E 8 -14.72 28.50 41.45
CA PRO E 8 -15.81 28.87 40.54
C PRO E 8 -17.05 29.31 41.31
N VAL E 9 -17.87 30.17 40.70
CA VAL E 9 -19.11 30.63 41.32
C VAL E 9 -20.30 30.34 40.42
N LEU E 10 -21.15 29.39 40.84
CA LEU E 10 -22.34 29.04 40.06
C LEU E 10 -23.60 29.70 40.59
N SER E 11 -24.47 30.12 39.67
CA SER E 11 -25.81 30.59 40.01
C SER E 11 -26.63 29.44 40.58
N GLY E 12 -26.70 28.34 39.82
CA GLY E 12 -27.42 27.16 40.24
C GLY E 12 -28.16 26.48 39.09
N ILE E 16 -21.94 27.79 25.22
CA ILE E 16 -23.06 27.38 26.06
C ILE E 16 -24.21 28.39 25.98
N VAL E 17 -25.39 27.91 25.58
CA VAL E 17 -26.56 28.78 25.45
C VAL E 17 -27.34 28.96 26.74
N ASN E 18 -27.52 30.22 27.10
CA ASN E 18 -28.28 30.61 28.29
C ASN E 18 -27.46 30.26 29.52
N GLY E 19 -26.16 30.09 29.31
CA GLY E 19 -25.22 29.88 30.39
C GLY E 19 -24.93 31.20 31.09
N GLU E 20 -23.85 31.22 31.87
CA GLU E 20 -23.35 32.46 32.44
C GLU E 20 -21.83 32.46 32.38
N GLU E 21 -21.23 33.63 32.52
CA GLU E 21 -19.78 33.76 32.52
C GLU E 21 -19.16 33.14 33.78
N ALA E 22 -18.06 32.42 33.59
CA ALA E 22 -17.37 31.75 34.69
C ALA E 22 -16.44 32.71 35.40
N VAL E 23 -16.07 32.38 36.64
CA VAL E 23 -15.03 33.11 37.35
C VAL E 23 -13.69 32.82 36.67
N PRO E 24 -13.03 33.85 36.15
CA PRO E 24 -11.76 33.66 35.44
C PRO E 24 -10.81 32.68 36.15
N GLY E 25 -10.30 31.71 35.40
CA GLY E 25 -9.33 30.76 35.93
C GLY E 25 -9.87 29.66 36.82
N SER E 26 -11.18 29.62 37.02
CA SER E 26 -11.79 28.75 38.02
C SER E 26 -12.04 27.30 37.56
N TRP E 27 -11.85 27.07 36.27
CA TRP E 27 -11.94 25.73 35.70
C TRP E 27 -10.64 25.36 35.00
N PRO E 28 -9.59 25.06 35.79
CA PRO E 28 -8.20 25.07 35.31
C PRO E 28 -7.85 23.92 34.35
N TRP E 29 -8.72 22.92 34.29
CA TRP E 29 -8.52 21.82 33.36
C TRP E 29 -9.08 22.12 31.97
N GLN E 30 -9.85 23.20 31.85
CA GLN E 30 -10.45 23.55 30.58
C GLN E 30 -9.40 24.05 29.57
N VAL E 31 -9.35 23.41 28.40
CA VAL E 31 -8.45 23.83 27.34
C VAL E 31 -9.19 24.14 26.05
N SER E 32 -8.57 24.94 25.21
CA SER E 32 -9.06 25.21 23.87
C SER E 32 -8.21 24.45 22.86
N LEU E 33 -8.87 23.78 21.91
CA LEU E 33 -8.15 23.12 20.84
C LEU E 33 -8.20 23.96 19.57
N GLN E 34 -7.05 24.50 19.17
CA GLN E 34 -7.02 25.38 18.00
C GLN E 34 -6.23 24.75 16.87
N ASP E 35 -6.77 24.83 15.65
CA ASP E 35 -6.07 24.32 14.48
C ASP E 35 -4.84 25.18 14.17
N LYS E 36 -4.11 24.81 13.13
CA LYS E 36 -2.82 25.42 12.84
C LYS E 36 -2.93 26.91 12.51
N THR E 37 -4.13 27.38 12.19
CA THR E 37 -4.34 28.81 11.90
C THR E 37 -4.77 29.61 13.15
N GLY E 38 -4.87 28.95 14.30
CA GLY E 38 -5.20 29.66 15.53
C GLY E 38 -6.69 29.55 15.83
N PHE E 39 -7.36 28.71 15.06
CA PHE E 39 -8.80 28.58 15.03
C PHE E 39 -9.29 27.65 16.14
N HIS E 40 -10.06 28.16 17.09
CA HIS E 40 -10.64 27.31 18.12
C HIS E 40 -11.80 26.48 17.57
N PHE E 41 -11.71 25.16 17.65
CA PHE E 41 -12.77 24.32 17.12
C PHE E 41 -13.43 23.40 18.15
N CYS E 42 -12.74 23.15 19.26
CA CYS E 42 -13.24 22.25 20.30
C CYS E 42 -12.63 22.56 21.67
N GLY E 43 -13.26 22.03 22.73
CA GLY E 43 -12.69 22.10 24.08
C GLY E 43 -12.03 20.80 24.50
N GLY E 44 -11.50 20.76 25.73
CA GLY E 44 -10.93 19.55 26.30
C GLY E 44 -10.62 19.68 27.79
N SER E 45 -10.26 18.57 28.43
CA SER E 45 -9.87 18.63 29.84
C SER E 45 -8.52 17.99 30.10
N LEU E 46 -7.67 18.70 30.84
CA LEU E 46 -6.43 18.11 31.36
C LEU E 46 -6.75 17.08 32.44
N ILE E 47 -6.13 15.91 32.34
CA ILE E 47 -6.34 14.84 33.32
C ILE E 47 -5.02 14.54 34.03
N ASN E 48 -3.94 15.10 33.48
CA ASN E 48 -2.65 15.14 34.17
C ASN E 48 -1.74 16.09 33.40
N GLU E 49 -0.45 16.13 33.74
CA GLU E 49 0.42 17.10 33.09
C GLU E 49 0.69 16.82 31.61
N ASN E 50 0.51 15.56 31.20
CA ASN E 50 0.84 15.15 29.84
C ASN E 50 -0.32 14.80 28.90
N TRP E 51 -1.55 14.73 29.45
CA TRP E 51 -2.66 14.16 28.68
C TRP E 51 -3.92 15.02 28.76
N VAL E 52 -4.60 15.16 27.63
CA VAL E 52 -5.83 15.91 27.55
C VAL E 52 -6.93 14.98 27.03
N VAL E 53 -8.12 15.01 27.63
CA VAL E 53 -9.23 14.22 27.10
C VAL E 53 -10.21 15.13 26.33
N THR E 54 -10.61 14.69 25.14
CA THR E 54 -11.56 15.43 24.32
C THR E 54 -12.54 14.45 23.64
N ALA E 55 -13.39 14.95 22.75
CA ALA E 55 -14.32 14.09 22.03
C ALA E 55 -13.69 13.63 20.73
N ALA E 56 -13.98 12.41 20.32
CA ALA E 56 -13.40 11.88 19.11
C ALA E 56 -13.86 12.59 17.85
N HIS E 57 -15.10 13.09 17.85
CA HIS E 57 -15.63 13.72 16.63
C HIS E 57 -14.94 15.04 16.35
N CYS E 58 -14.16 15.53 17.32
CA CYS E 58 -13.40 16.75 17.11
C CYS E 58 -12.31 16.58 16.05
N GLY E 59 -11.97 15.33 15.73
CA GLY E 59 -10.98 15.00 14.72
C GLY E 59 -9.57 15.59 14.89
N VAL E 60 -9.10 15.67 16.13
CA VAL E 60 -7.82 16.32 16.41
C VAL E 60 -6.64 15.61 15.72
N THR E 61 -5.70 16.39 15.16
CA THR E 61 -4.47 15.81 14.62
C THR E 61 -3.26 16.46 15.27
N THR E 62 -2.07 16.09 14.83
CA THR E 62 -0.86 16.65 15.41
C THR E 62 -0.57 18.05 14.89
N SER E 63 -1.40 18.55 13.98
CA SER E 63 -1.27 19.93 13.52
CA SER E 63 -1.30 19.93 13.50
C SER E 63 -2.06 20.89 14.41
N ASP E 64 -2.91 20.36 15.27
CA ASP E 64 -3.66 21.19 16.20
C ASP E 64 -2.84 21.43 17.47
N VAL E 65 -3.28 22.36 18.30
CA VAL E 65 -2.54 22.68 19.52
C VAL E 65 -3.50 22.80 20.70
N VAL E 66 -3.00 22.50 21.89
CA VAL E 66 -3.79 22.64 23.11
C VAL E 66 -3.48 23.96 23.77
N VAL E 67 -4.53 24.75 24.04
CA VAL E 67 -4.35 26.00 24.75
C VAL E 67 -4.85 25.85 26.17
N ALA E 68 -3.93 25.94 27.13
CA ALA E 68 -4.26 25.83 28.55
C ALA E 68 -4.17 27.21 29.22
N GLY E 69 -4.96 27.42 30.26
CA GLY E 69 -4.81 28.62 31.08
C GLY E 69 -5.57 29.81 30.55
N GLU E 70 -6.41 29.57 29.55
CA GLU E 70 -7.12 30.65 28.87
C GLU E 70 -8.44 30.97 29.57
N PHE E 71 -8.83 32.24 29.51
CA PHE E 71 -10.15 32.68 29.97
C PHE E 71 -10.82 33.53 28.91
N ASP E 72 -10.17 34.64 28.54
CA ASP E 72 -10.70 35.53 27.53
C ASP E 72 -9.95 35.32 26.22
N GLN E 73 -10.61 34.67 25.27
CA GLN E 73 -10.03 34.40 23.96
C GLN E 73 -9.59 35.67 23.24
N GLY E 74 -9.98 36.83 23.77
CA GLY E 74 -9.60 38.09 23.17
C GLY E 74 -8.62 38.85 24.04
N SER E 75 -7.91 38.14 24.89
CA SER E 75 -6.97 38.75 25.82
C SER E 75 -5.54 38.36 25.46
N SER E 76 -4.61 38.74 26.33
CA SER E 76 -3.21 38.40 26.18
C SER E 76 -2.55 38.55 27.55
N SER E 77 -3.03 39.51 28.32
CA SER E 77 -2.55 39.74 29.68
C SER E 77 -2.63 38.45 30.49
N GLU E 78 -3.56 37.58 30.11
CA GLU E 78 -3.75 36.30 30.79
C GLU E 78 -2.67 35.33 30.33
N LYS E 79 -2.04 34.67 31.31
CA LYS E 79 -0.92 33.79 31.02
C LYS E 79 -1.40 32.46 30.47
N ILE E 80 -1.31 32.30 29.15
CA ILE E 80 -1.77 31.08 28.50
C ILE E 80 -0.60 30.24 27.99
N GLN E 81 -0.82 28.93 27.87
CA GLN E 81 0.20 28.00 27.40
C GLN E 81 -0.20 27.35 26.06
N LYS E 82 0.59 27.60 25.02
CA LYS E 82 0.38 26.99 23.72
C LYS E 82 1.12 25.66 23.62
N LEU E 83 0.38 24.56 23.70
CA LEU E 83 0.98 23.22 23.78
C LEU E 83 0.78 22.34 22.54
N LYS E 84 1.88 21.81 22.02
CA LYS E 84 1.86 20.94 20.85
C LYS E 84 1.43 19.52 21.20
N ILE E 85 0.75 18.87 20.24
CA ILE E 85 0.25 17.50 20.42
C ILE E 85 1.21 16.49 19.78
N ALA E 86 1.71 15.56 20.59
CA ALA E 86 2.61 14.53 20.08
C ALA E 86 1.90 13.37 19.41
N LYS E 87 0.78 12.95 19.97
CA LYS E 87 0.14 11.76 19.47
C LYS E 87 -1.35 11.79 19.81
N VAL E 88 -2.17 11.20 18.95
CA VAL E 88 -3.61 11.23 19.14
C VAL E 88 -4.16 9.80 19.25
N PHE E 89 -4.91 9.54 20.33
CA PHE E 89 -5.46 8.21 20.53
C PHE E 89 -6.99 8.28 20.52
N LYS E 90 -7.56 8.09 19.34
CA LYS E 90 -9.01 8.01 19.19
CA LYS E 90 -9.01 8.03 19.22
C LYS E 90 -9.47 6.62 19.60
N ASN E 91 -10.58 6.55 20.32
CA ASN E 91 -11.11 5.28 20.77
C ASN E 91 -11.56 4.45 19.57
N SER E 92 -11.02 3.24 19.44
CA SER E 92 -11.28 2.40 18.27
C SER E 92 -12.75 1.97 18.12
N LYS E 93 -13.52 2.06 19.19
CA LYS E 93 -14.94 1.71 19.14
C LYS E 93 -15.77 2.90 18.64
N TYR E 94 -15.14 4.06 18.52
CA TYR E 94 -15.86 5.26 18.12
C TYR E 94 -16.66 5.02 16.85
N ASN E 95 -17.91 5.45 16.87
CA ASN E 95 -18.85 5.17 15.81
C ASN E 95 -19.25 6.49 15.17
N SER E 96 -18.69 6.79 13.99
CA SER E 96 -18.96 8.05 13.31
C SER E 96 -20.44 8.17 12.97
N LEU E 97 -21.13 7.04 12.99
CA LEU E 97 -22.55 6.99 12.65
C LEU E 97 -23.42 7.41 13.84
N THR E 98 -23.29 6.70 14.95
CA THR E 98 -24.10 6.94 16.13
C THR E 98 -23.43 7.92 17.10
N ILE E 99 -22.14 8.18 16.86
CA ILE E 99 -21.33 9.01 17.73
C ILE E 99 -21.13 8.38 19.12
N ASN E 100 -21.30 7.07 19.19
CA ASN E 100 -21.05 6.37 20.44
C ASN E 100 -19.56 6.16 20.67
N ASN E 101 -19.17 6.11 21.94
CA ASN E 101 -17.76 6.02 22.34
C ASN E 101 -16.96 7.21 21.84
N ASP E 102 -17.51 8.39 22.08
CA ASP E 102 -17.00 9.63 21.52
C ASP E 102 -15.90 10.23 22.37
N ILE E 103 -14.72 9.62 22.30
CA ILE E 103 -13.62 10.03 23.16
C ILE E 103 -12.26 9.87 22.52
N THR E 104 -11.43 10.89 22.65
CA THR E 104 -10.07 10.83 22.15
C THR E 104 -9.11 11.33 23.19
N LEU E 105 -7.96 10.68 23.28
CA LEU E 105 -6.90 11.13 24.16
C LEU E 105 -5.78 11.78 23.36
N LEU E 106 -5.21 12.85 23.91
CA LEU E 106 -4.09 13.54 23.26
C LEU E 106 -2.90 13.51 24.19
N LYS E 107 -1.77 13.01 23.72
CA LYS E 107 -0.52 13.13 24.46
C LYS E 107 0.25 14.37 24.04
N LEU E 108 0.51 15.27 24.99
CA LEU E 108 1.22 16.50 24.70
C LEU E 108 2.69 16.24 24.36
N SER E 109 3.22 17.04 23.44
CA SER E 109 4.65 16.99 23.12
C SER E 109 5.48 17.33 24.34
N THR E 110 5.06 18.36 25.07
CA THR E 110 5.73 18.75 26.32
C THR E 110 4.72 18.89 27.45
N ALA E 111 5.12 18.51 28.66
CA ALA E 111 4.22 18.53 29.81
C ALA E 111 3.69 19.92 30.09
N ALA E 112 2.40 20.01 30.39
CA ALA E 112 1.84 21.24 30.90
C ALA E 112 2.56 21.62 32.20
N SER E 113 2.75 22.91 32.43
CA SER E 113 3.23 23.37 33.72
C SER E 113 2.00 23.76 34.54
N PHE E 114 1.80 23.06 35.65
CA PHE E 114 0.60 23.29 36.48
C PHE E 114 0.72 24.54 37.35
N SER E 115 -0.39 25.26 37.46
CA SER E 115 -0.43 26.49 38.23
C SER E 115 -1.81 26.70 38.83
N GLN E 116 -2.05 27.95 39.22
CA GLN E 116 -3.34 28.33 39.78
C GLN E 116 -4.43 28.24 38.71
N THR E 117 -4.06 28.57 37.47
CA THR E 117 -5.04 28.61 36.39
C THR E 117 -4.98 27.39 35.46
N VAL E 118 -4.13 26.42 35.81
CA VAL E 118 -3.96 25.23 34.98
C VAL E 118 -3.70 24.00 35.85
N SER E 119 -4.63 23.05 35.81
CA SER E 119 -4.53 21.82 36.58
C SER E 119 -5.55 20.80 36.09
N ALA E 120 -5.53 19.61 36.69
CA ALA E 120 -6.29 18.47 36.17
C ALA E 120 -7.67 18.28 36.80
N VAL E 121 -8.60 17.80 35.98
CA VAL E 121 -9.87 17.27 36.48
C VAL E 121 -9.66 15.85 36.98
N CYS E 122 -10.52 15.39 37.88
CA CYS E 122 -10.49 14.02 38.34
C CYS E 122 -11.25 13.08 37.39
N LEU E 123 -10.83 11.82 37.34
CA LEU E 123 -11.50 10.84 36.51
C LEU E 123 -12.26 9.89 37.42
N PRO E 124 -13.43 9.44 36.97
CA PRO E 124 -14.20 8.51 37.79
C PRO E 124 -13.60 7.12 37.71
N SER E 125 -13.98 6.26 38.65
CA SER E 125 -13.73 4.84 38.49
C SER E 125 -14.87 4.31 37.62
N ALA E 126 -14.64 3.18 36.95
CA ALA E 126 -15.66 2.62 36.05
C ALA E 126 -16.97 2.37 36.79
N SER E 127 -16.90 2.17 38.11
CA SER E 127 -18.09 1.78 38.85
C SER E 127 -18.73 2.95 39.60
N ASP E 128 -18.18 4.15 39.46
CA ASP E 128 -18.76 5.32 40.12
C ASP E 128 -20.18 5.58 39.61
N ASP E 129 -21.07 5.92 40.53
CA ASP E 129 -22.48 6.16 40.23
C ASP E 129 -22.88 7.61 40.42
N PHE E 130 -23.26 8.23 39.31
CA PHE E 130 -23.78 9.60 39.32
C PHE E 130 -25.27 9.59 38.97
N ALA E 131 -26.13 9.79 39.98
CA ALA E 131 -27.55 9.50 39.85
C ALA E 131 -28.29 10.53 39.01
N ALA E 132 -29.43 10.12 38.45
CA ALA E 132 -30.27 11.04 37.71
C ALA E 132 -30.73 12.15 38.65
N GLY E 133 -30.75 13.39 38.15
CA GLY E 133 -31.22 14.51 38.94
C GLY E 133 -30.11 15.19 39.71
N THR E 134 -28.90 14.64 39.61
CA THR E 134 -27.72 15.22 40.24
C THR E 134 -27.37 16.52 39.51
N THR E 135 -27.13 17.59 40.25
CA THR E 135 -26.73 18.84 39.64
C THR E 135 -25.22 18.83 39.35
N CYS E 136 -24.86 18.93 38.06
CA CYS E 136 -23.46 19.01 37.64
C CYS E 136 -23.21 20.29 36.87
N VAL E 137 -21.99 20.46 36.35
CA VAL E 137 -21.62 21.67 35.61
C VAL E 137 -20.92 21.36 34.27
N THR E 138 -21.16 22.19 33.26
CA THR E 138 -20.43 22.09 31.99
C THR E 138 -19.88 23.45 31.56
N THR E 139 -18.74 23.44 30.86
CA THR E 139 -18.08 24.70 30.52
C THR E 139 -17.52 24.68 29.10
N GLY E 140 -17.38 25.87 28.52
CA GLY E 140 -16.74 25.99 27.23
C GLY E 140 -16.77 27.40 26.65
N TRP E 141 -16.14 27.58 25.51
CA TRP E 141 -16.23 28.83 24.76
C TRP E 141 -17.14 28.65 23.55
N GLY E 142 -18.17 27.80 23.70
CA GLY E 142 -19.10 27.60 22.62
C GLY E 142 -19.97 28.83 22.47
N LEU E 143 -20.68 28.92 21.36
CA LEU E 143 -21.61 30.01 21.10
C LEU E 143 -22.59 30.25 22.25
N THR E 144 -22.78 31.52 22.63
CA THR E 144 -23.72 31.88 23.67
C THR E 144 -25.10 32.21 23.10
N ARG E 145 -25.21 32.14 21.78
CA ARG E 145 -26.48 32.36 21.09
C ARG E 145 -26.43 31.79 19.68
N TYR E 146 -27.43 30.98 19.33
CA TYR E 146 -27.43 30.26 18.06
C TYR E 146 -27.77 31.19 16.89
N ALA E 149 -23.45 34.74 16.23
CA ALA E 149 -22.30 35.51 15.79
C ALA E 149 -20.99 34.76 16.07
N ASN E 150 -20.09 35.41 16.81
CA ASN E 150 -18.84 34.80 17.24
C ASN E 150 -18.99 33.94 18.50
N THR E 151 -17.97 33.16 18.79
CA THR E 151 -17.90 32.46 20.06
C THR E 151 -17.53 33.53 21.09
N PRO E 152 -17.94 33.32 22.35
CA PRO E 152 -17.71 34.33 23.39
C PRO E 152 -16.24 34.43 23.80
N ASP E 153 -15.80 35.66 24.05
CA ASP E 153 -14.43 35.91 24.46
C ASP E 153 -14.11 35.16 25.75
N ARG E 154 -15.00 35.28 26.72
CA ARG E 154 -14.75 34.74 28.06
C ARG E 154 -15.40 33.37 28.24
N LEU E 155 -14.87 32.60 29.19
CA LEU E 155 -15.32 31.24 29.45
C LEU E 155 -16.70 31.18 30.10
N GLN E 156 -17.61 30.43 29.49
CA GLN E 156 -18.94 30.25 30.05
C GLN E 156 -19.02 28.99 30.90
N GLN E 157 -20.01 28.96 31.78
CA GLN E 157 -20.31 27.78 32.59
C GLN E 157 -21.82 27.68 32.69
N ALA E 158 -22.32 26.51 33.06
CA ALA E 158 -23.73 26.37 33.37
C ALA E 158 -23.99 25.15 34.25
N SER E 159 -24.84 25.32 35.25
CA SER E 159 -25.28 24.19 36.06
C SER E 159 -26.45 23.54 35.35
N LEU E 160 -26.52 22.22 35.43
CA LEU E 160 -27.60 21.48 34.79
C LEU E 160 -27.68 20.08 35.39
N PRO E 161 -28.87 19.47 35.34
CA PRO E 161 -29.05 18.18 36.01
C PRO E 161 -28.80 17.02 35.06
N LEU E 162 -28.37 15.89 35.61
CA LEU E 162 -28.23 14.67 34.83
C LEU E 162 -29.58 14.03 34.59
N LEU E 163 -29.77 13.47 33.39
CA LEU E 163 -30.99 12.72 33.11
C LEU E 163 -30.73 11.22 33.19
N SER E 164 -31.79 10.49 33.51
CA SER E 164 -31.77 9.04 33.38
C SER E 164 -31.79 8.76 31.88
N ASN E 165 -31.17 7.66 31.48
CA ASN E 165 -31.15 7.30 30.06
C ASN E 165 -32.56 6.97 29.61
N THR E 166 -33.36 6.49 30.55
CA THR E 166 -34.77 6.21 30.31
C THR E 166 -35.53 7.49 29.95
N ASN E 167 -35.31 8.55 30.71
CA ASN E 167 -35.89 9.87 30.40
C ASN E 167 -35.32 10.50 29.13
N CYS E 168 -34.03 10.31 28.89
CA CYS E 168 -33.38 10.89 27.73
C CYS E 168 -33.89 10.22 26.45
N LYS E 169 -34.10 8.91 26.51
CA LYS E 169 -34.63 8.18 25.36
C LYS E 169 -36.00 8.73 25.00
N LYS E 170 -36.70 9.25 25.99
CA LYS E 170 -38.03 9.80 25.76
C LYS E 170 -37.97 10.94 24.74
N TYR E 171 -36.81 11.60 24.66
CA TYR E 171 -36.55 12.67 23.70
CA TYR E 171 -36.68 12.62 23.63
C TYR E 171 -35.88 12.12 22.43
N TRP E 172 -34.78 11.40 22.66
CA TRP E 172 -33.84 11.05 21.60
C TRP E 172 -33.97 9.61 21.07
N GLY E 173 -34.82 8.81 21.71
CA GLY E 173 -35.05 7.44 21.24
C GLY E 173 -33.82 6.57 21.26
N THR E 174 -33.71 5.68 20.27
CA THR E 174 -32.63 4.70 20.21
C THR E 174 -31.26 5.33 19.94
N LYS E 175 -31.24 6.64 19.69
CA LYS E 175 -29.99 7.35 19.49
C LYS E 175 -29.10 7.36 20.74
N ILE E 176 -29.71 7.23 21.92
CA ILE E 176 -28.94 7.26 23.15
C ILE E 176 -28.36 5.86 23.41
N LYS E 177 -27.04 5.78 23.48
CA LYS E 177 -26.36 4.51 23.69
C LYS E 177 -25.79 4.36 25.10
N ASP E 178 -25.30 3.15 25.37
CA ASP E 178 -24.65 2.80 26.64
C ASP E 178 -23.56 3.79 27.08
N ALA E 179 -22.76 4.24 26.12
CA ALA E 179 -21.57 5.02 26.43
C ALA E 179 -21.92 6.49 26.30
N MET E 180 -23.20 6.79 26.48
CA MET E 180 -23.68 8.16 26.47
C MET E 180 -24.41 8.50 27.76
N ILE E 181 -24.42 9.79 28.08
CA ILE E 181 -25.17 10.27 29.22
C ILE E 181 -25.75 11.64 28.91
N CYS E 182 -26.99 11.87 29.34
CA CYS E 182 -27.65 13.12 29.02
C CYS E 182 -27.72 14.04 30.22
N ALA E 183 -27.72 15.36 29.96
CA ALA E 183 -27.84 16.37 30.99
C ALA E 183 -28.46 17.63 30.40
N GLY E 184 -29.20 18.38 31.21
CA GLY E 184 -29.80 19.62 30.76
C GLY E 184 -31.30 19.53 30.53
N ALA E 185 -31.75 19.99 29.37
CA ALA E 185 -33.18 20.15 29.09
C ALA E 185 -33.83 21.04 30.14
N SER E 186 -33.01 21.88 30.76
CA SER E 186 -33.38 22.58 31.98
C SER E 186 -33.24 24.07 31.76
N GLY E 187 -33.24 24.47 30.49
CA GLY E 187 -33.14 25.86 30.12
C GLY E 187 -31.70 26.33 29.93
N VAL E 188 -30.77 25.38 29.79
CA VAL E 188 -29.44 25.70 29.31
C VAL E 188 -29.01 24.64 28.30
N SER E 189 -27.95 24.92 27.55
CA SER E 189 -27.51 24.00 26.51
C SER E 189 -26.06 24.21 26.10
N SER E 190 -25.36 23.11 25.81
CA SER E 190 -24.07 23.20 25.14
C SER E 190 -24.37 23.59 23.69
N CYS E 191 -23.39 24.23 23.03
CA CYS E 191 -23.56 24.64 21.64
C CYS E 191 -22.24 24.59 20.89
N MET E 192 -22.23 25.15 19.67
CA MET E 192 -21.12 24.95 18.75
C MET E 192 -19.78 25.48 19.30
N GLY E 193 -18.81 24.59 19.50
CA GLY E 193 -17.52 24.94 20.05
C GLY E 193 -17.34 24.44 21.47
N ASP E 194 -18.39 23.84 22.01
CA ASP E 194 -18.34 23.25 23.33
C ASP E 194 -17.85 21.81 23.30
N SER E 195 -18.02 21.16 22.15
CA SER E 195 -17.60 19.77 21.97
C SER E 195 -16.24 19.42 22.57
N GLY E 196 -16.21 18.32 23.31
CA GLY E 196 -14.98 17.80 23.87
C GLY E 196 -14.65 18.42 25.20
N GLY E 197 -15.41 19.45 25.58
CA GLY E 197 -15.28 20.04 26.89
C GLY E 197 -15.87 19.19 27.99
N PRO E 198 -15.67 19.62 29.24
CA PRO E 198 -16.06 18.86 30.43
C PRO E 198 -17.52 18.99 30.84
N LEU E 199 -18.05 17.89 31.37
CA LEU E 199 -19.24 17.90 32.19
C LEU E 199 -18.75 17.31 33.50
N VAL E 200 -18.72 18.11 34.56
CA VAL E 200 -18.15 17.64 35.82
C VAL E 200 -19.16 17.64 36.95
N CYS E 201 -19.12 16.59 37.77
CA CYS E 201 -19.96 16.48 38.96
C CYS E 201 -19.04 16.36 40.16
N LYS E 202 -19.43 16.98 41.27
CA LYS E 202 -18.59 17.02 42.47
C LYS E 202 -18.66 15.75 43.32
N LYS E 203 -17.66 14.88 43.16
CA LYS E 203 -17.59 13.60 43.88
C LYS E 203 -16.62 13.72 45.06
N ASN E 204 -17.18 13.95 46.25
CA ASN E 204 -16.40 14.03 47.48
C ASN E 204 -15.51 15.28 47.58
N GLY E 205 -16.08 16.45 47.27
CA GLY E 205 -15.33 17.69 47.33
C GLY E 205 -14.47 17.96 46.11
N ALA E 206 -14.39 16.98 45.21
CA ALA E 206 -13.58 17.11 44.01
C ALA E 206 -14.42 16.95 42.74
N TRP E 207 -14.28 17.88 41.81
CA TRP E 207 -14.98 17.79 40.53
C TRP E 207 -14.46 16.60 39.74
N THR E 208 -15.38 15.82 39.19
CA THR E 208 -15.04 14.61 38.47
C THR E 208 -15.63 14.64 37.06
N LEU E 209 -14.88 14.14 36.07
CA LEU E 209 -15.33 14.17 34.69
C LEU E 209 -16.30 13.02 34.45
N VAL E 210 -17.57 13.38 34.31
CA VAL E 210 -18.64 12.41 34.14
C VAL E 210 -19.08 12.34 32.68
N GLY E 211 -18.91 13.47 31.98
CA GLY E 211 -19.26 13.51 30.58
C GLY E 211 -18.29 14.36 29.79
N ILE E 212 -18.29 14.13 28.48
CA ILE E 212 -17.54 14.95 27.53
C ILE E 212 -18.54 15.46 26.48
N VAL E 213 -18.61 16.78 26.28
CA VAL E 213 -19.61 17.36 25.38
C VAL E 213 -19.51 16.69 24.01
N SER E 214 -20.64 16.15 23.55
CA SER E 214 -20.66 15.34 22.34
C SER E 214 -21.65 15.88 21.34
N TRP E 215 -22.94 15.66 21.58
CA TRP E 215 -23.95 16.11 20.63
C TRP E 215 -25.28 16.50 21.29
N GLY E 216 -26.19 17.06 20.49
CA GLY E 216 -27.48 17.51 20.97
C GLY E 216 -28.36 18.16 19.90
N SER E 217 -29.34 18.93 20.35
CA SER E 217 -30.21 19.67 19.44
C SER E 217 -29.43 20.47 18.39
N SER E 218 -29.78 20.28 17.13
CA SER E 218 -29.06 20.93 16.03
C SER E 218 -29.21 22.44 16.11
N THR E 219 -30.09 22.89 16.99
CA THR E 219 -30.36 24.30 17.16
C THR E 219 -30.07 24.75 18.60
N CYS E 220 -29.51 23.85 19.38
CA CYS E 220 -29.10 24.16 20.75
C CYS E 220 -30.29 24.48 21.63
N SER E 221 -31.39 23.75 21.45
CA SER E 221 -32.58 23.96 22.26
C SER E 221 -32.27 23.78 23.74
N THR E 222 -32.80 24.67 24.57
CA THR E 222 -32.57 24.60 26.01
C THR E 222 -33.64 23.76 26.70
N SER E 223 -34.53 23.18 25.92
CA SER E 223 -35.60 22.36 26.48
C SER E 223 -35.42 20.91 26.03
N THR E 224 -34.32 20.67 25.31
CA THR E 224 -33.96 19.33 24.90
C THR E 224 -32.61 18.94 25.52
N PRO E 225 -32.47 17.65 25.89
CA PRO E 225 -31.24 17.22 26.57
C PRO E 225 -29.99 17.25 25.68
N GLY E 226 -28.89 17.72 26.25
CA GLY E 226 -27.57 17.59 25.64
C GLY E 226 -27.07 16.16 25.84
N VAL E 227 -26.32 15.62 24.88
CA VAL E 227 -25.82 14.27 25.04
C VAL E 227 -24.30 14.31 25.20
N TYR E 228 -23.78 13.51 26.15
CA TYR E 228 -22.37 13.53 26.51
C TYR E 228 -21.78 12.13 26.50
N ALA E 229 -20.52 12.00 26.10
CA ALA E 229 -19.81 10.74 26.26
C ALA E 229 -19.75 10.35 27.74
N ARG E 230 -20.19 9.13 28.05
CA ARG E 230 -20.22 8.67 29.43
C ARG E 230 -18.84 8.19 29.86
N VAL E 231 -18.13 9.04 30.60
CA VAL E 231 -16.76 8.73 31.00
C VAL E 231 -16.57 7.43 31.79
N THR E 232 -17.53 7.05 32.64
CA THR E 232 -17.38 5.81 33.40
C THR E 232 -17.26 4.60 32.47
N ALA E 233 -17.96 4.64 31.35
CA ALA E 233 -17.96 3.52 30.41
C ALA E 233 -16.68 3.49 29.59
N LEU E 234 -15.90 4.56 29.66
CA LEU E 234 -14.76 4.69 28.77
C LEU E 234 -13.43 4.78 29.51
N VAL E 235 -13.49 4.82 30.85
CA VAL E 235 -12.34 5.18 31.67
C VAL E 235 -11.31 4.06 31.79
N ASN E 236 -11.75 2.82 31.69
CA ASN E 236 -10.80 1.71 31.67
C ASN E 236 -9.91 1.80 30.43
N TRP E 237 -10.52 2.15 29.29
CA TRP E 237 -9.76 2.33 28.06
C TRP E 237 -8.77 3.48 28.26
N VAL E 238 -9.22 4.52 28.95
CA VAL E 238 -8.35 5.64 29.23
C VAL E 238 -7.13 5.19 30.04
N GLN E 239 -7.36 4.50 31.15
CA GLN E 239 -6.23 4.13 32.03
C GLN E 239 -5.26 3.16 31.35
N GLN E 240 -5.76 2.24 30.54
CA GLN E 240 -4.87 1.35 29.77
C GLN E 240 -4.03 2.15 28.81
N THR E 241 -4.67 3.11 28.15
CA THR E 241 -3.95 3.89 27.15
C THR E 241 -2.84 4.65 27.84
N LEU E 242 -3.13 5.24 28.99
CA LEU E 242 -2.13 6.03 29.68
C LEU E 242 -0.98 5.17 30.20
N ALA E 243 -1.31 3.95 30.63
CA ALA E 243 -0.30 3.09 31.21
C ALA E 243 0.70 2.59 30.16
N ALA E 244 0.20 2.35 28.95
CA ALA E 244 1.00 1.79 27.87
C ALA E 244 1.68 2.84 26.96
N ASN E 245 1.26 4.10 27.03
CA ASN E 245 1.75 5.08 26.05
C ASN E 245 2.33 6.36 26.62
N SER F 1 -25.59 16.75 -7.83
CA SER F 1 -24.52 16.51 -6.87
C SER F 1 -24.94 16.89 -5.45
N ILE F 2 -24.25 17.86 -4.88
CA ILE F 2 -24.47 18.25 -3.49
C ILE F 2 -25.25 19.57 -3.35
N CYS F 3 -25.12 20.43 -4.35
CA CYS F 3 -25.71 21.76 -4.33
C CYS F 3 -27.22 21.85 -4.08
N SER F 4 -27.92 20.73 -4.13
CA SER F 4 -29.37 20.76 -3.87
C SER F 4 -29.72 20.41 -2.43
N GLU F 5 -28.85 19.66 -1.77
CA GLU F 5 -29.00 19.38 -0.35
C GLU F 5 -28.94 20.68 0.47
N PRO F 6 -29.75 20.76 1.53
CA PRO F 6 -29.91 21.95 2.35
C PRO F 6 -28.77 22.09 3.35
N LYS F 7 -28.76 23.22 4.07
CA LYS F 7 -27.77 23.45 5.13
C LYS F 7 -27.96 22.42 6.23
N LYS F 8 -26.94 21.60 6.48
CA LYS F 8 -26.99 20.65 7.57
C LYS F 8 -25.91 20.92 8.62
N VAL F 9 -26.35 21.30 9.80
CA VAL F 9 -25.47 21.66 10.91
C VAL F 9 -25.07 20.41 11.69
N GLY F 10 -25.97 19.44 11.72
CA GLY F 10 -25.73 18.20 12.43
C GLY F 10 -25.94 18.39 13.92
N ARG F 11 -25.86 17.31 14.68
CA ARG F 11 -26.29 17.34 16.07
C ARG F 11 -25.11 17.52 17.02
N CYS F 12 -23.90 17.36 16.49
CA CYS F 12 -22.69 17.53 17.29
C CYS F 12 -22.46 18.99 17.66
N LYS F 13 -21.68 19.22 18.71
CA LYS F 13 -21.56 20.54 19.31
C LYS F 13 -20.20 21.18 19.07
N GLY F 14 -19.60 20.88 17.92
CA GLY F 14 -18.31 21.44 17.57
C GLY F 14 -18.51 22.73 16.80
N TYR F 15 -17.43 23.41 16.43
CA TYR F 15 -17.56 24.67 15.71
C TYR F 15 -16.71 24.63 14.43
N PHE F 16 -17.34 24.23 13.33
CA PHE F 16 -16.64 23.98 12.08
C PHE F 16 -17.28 24.78 10.95
N PRO F 17 -16.77 25.99 10.69
CA PRO F 17 -17.29 26.86 9.61
C PRO F 17 -17.19 26.18 8.25
N ARG F 18 -18.33 26.08 7.58
CA ARG F 18 -18.39 25.51 6.24
C ARG F 18 -19.17 26.44 5.30
N PHE F 19 -19.43 25.97 4.09
CA PHE F 19 -20.35 26.64 3.18
C PHE F 19 -21.40 25.66 2.63
N TYR F 20 -22.61 26.17 2.37
CA TYR F 20 -23.59 25.39 1.63
C TYR F 20 -24.12 26.24 0.47
N PHE F 21 -24.84 25.60 -0.46
CA PHE F 21 -25.45 26.30 -1.58
C PHE F 21 -26.91 26.62 -1.29
N ASP F 22 -27.22 27.91 -1.16
CA ASP F 22 -28.59 28.34 -0.93
C ASP F 22 -29.33 28.26 -2.27
N SER F 23 -30.39 27.46 -2.31
CA SER F 23 -31.15 27.28 -3.54
C SER F 23 -32.06 28.47 -3.84
N GLU F 24 -32.57 29.10 -2.80
CA GLU F 24 -33.43 30.28 -2.98
C GLU F 24 -32.72 31.50 -3.55
N THR F 25 -31.40 31.60 -3.35
CA THR F 25 -30.64 32.71 -3.93
C THR F 25 -29.58 32.26 -4.93
N GLY F 26 -29.37 30.94 -5.01
CA GLY F 26 -28.40 30.37 -5.93
C GLY F 26 -26.97 30.83 -5.71
N LYS F 27 -26.62 31.18 -4.48
CA LYS F 27 -25.27 31.63 -4.17
C LYS F 27 -24.78 30.92 -2.90
N CYS F 28 -23.48 30.65 -2.86
CA CYS F 28 -22.87 29.98 -1.72
C CYS F 28 -22.81 30.83 -0.45
N THR F 29 -23.22 30.23 0.66
CA THR F 29 -23.42 30.92 1.92
C THR F 29 -22.73 30.17 3.06
N PRO F 30 -22.04 30.90 3.95
CA PRO F 30 -21.38 30.33 5.14
C PRO F 30 -22.35 29.82 6.21
N PHE F 31 -21.97 28.74 6.88
CA PHE F 31 -22.73 28.21 8.03
C PHE F 31 -21.83 27.45 9.01
N ILE F 32 -22.29 27.37 10.26
CA ILE F 32 -21.55 26.65 11.29
C ILE F 32 -21.91 25.17 11.30
N TYR F 33 -20.93 24.33 10.99
CA TYR F 33 -21.14 22.89 10.97
C TYR F 33 -20.74 22.27 12.32
N GLY F 34 -21.52 21.30 12.78
CA GLY F 34 -21.32 20.74 14.10
C GLY F 34 -20.22 19.69 14.15
N GLY F 35 -19.77 19.25 12.99
CA GLY F 35 -18.66 18.31 12.91
C GLY F 35 -19.10 16.89 12.67
N CYS F 36 -20.41 16.66 12.69
CA CYS F 36 -20.97 15.33 12.50
C CYS F 36 -22.32 15.36 11.81
N GLY F 37 -22.60 14.29 11.06
CA GLY F 37 -23.91 14.10 10.47
C GLY F 37 -24.15 15.03 9.30
N GLY F 38 -23.07 15.54 8.72
CA GLY F 38 -23.21 16.44 7.59
C GLY F 38 -23.71 15.72 6.36
N ASN F 39 -24.05 16.50 5.34
CA ASN F 39 -24.54 15.93 4.10
C ASN F 39 -23.70 16.32 2.90
N GLY F 40 -24.33 16.37 1.73
CA GLY F 40 -23.67 16.77 0.51
C GLY F 40 -23.18 18.20 0.62
N ASN F 41 -24.12 19.14 0.59
CA ASN F 41 -23.86 20.58 0.60
C ASN F 41 -22.99 21.08 1.76
N ASN F 42 -21.71 20.73 1.76
CA ASN F 42 -20.82 21.06 2.87
C ASN F 42 -19.37 21.24 2.40
N PHE F 43 -18.93 22.49 2.25
CA PHE F 43 -17.63 22.78 1.63
C PHE F 43 -16.63 23.53 2.51
N GLU F 44 -15.35 23.31 2.24
CA GLU F 44 -14.26 23.89 3.01
C GLU F 44 -14.12 25.38 2.74
N THR F 45 -14.29 25.78 1.48
CA THR F 45 -14.10 27.16 1.09
C THR F 45 -15.18 27.69 0.14
N LEU F 46 -15.33 29.00 0.10
CA LEU F 46 -16.30 29.68 -0.77
C LEU F 46 -16.02 29.52 -2.26
N HIS F 47 -14.77 29.23 -2.61
CA HIS F 47 -14.39 29.07 -4.01
C HIS F 47 -14.83 27.72 -4.58
N GLN F 48 -14.61 26.66 -3.82
CA GLN F 48 -15.00 25.32 -4.23
C GLN F 48 -16.51 25.20 -4.43
N CYS F 49 -17.27 25.73 -3.48
CA CYS F 49 -18.73 25.68 -3.56
C CYS F 49 -19.33 26.32 -4.84
N ARG F 50 -18.95 27.56 -5.15
CA ARG F 50 -19.52 28.24 -6.32
C ARG F 50 -19.05 27.60 -7.63
N ALA F 51 -17.79 27.19 -7.63
CA ALA F 51 -17.19 26.43 -8.73
C ALA F 51 -18.06 25.26 -9.19
N ILE F 52 -18.56 24.49 -8.21
CA ILE F 52 -19.23 23.21 -8.45
C ILE F 52 -20.75 23.33 -8.57
N CYS F 53 -21.33 24.32 -7.91
CA CYS F 53 -22.78 24.41 -7.79
C CYS F 53 -23.31 25.62 -8.54
N ARG F 54 -22.39 26.37 -9.14
CA ARG F 54 -22.74 27.52 -9.97
C ARG F 54 -23.54 28.55 -9.17
#